data_2MEU
#
_entry.id   2MEU
#
_entity_poly.entity_id   1
_entity_poly.type   'polypeptide(L)'
_entity_poly.pdbx_seq_one_letter_code
;EKTNLEIIILVETAVIAMEFWLLLVIILRTVKRANGG
;
_entity_poly.pdbx_strand_id   A,B
#
# COMPACT_ATOMS: atom_id res chain seq x y z
N GLU A 1 17.83 -18.13 -11.27
CA GLU A 1 18.33 -17.57 -10.03
C GLU A 1 17.21 -17.51 -8.99
N LYS A 2 17.36 -18.30 -7.92
CA LYS A 2 16.37 -18.34 -6.85
C LYS A 2 16.43 -17.05 -6.05
N THR A 3 17.58 -16.36 -6.10
CA THR A 3 17.76 -15.12 -5.37
C THR A 3 16.58 -14.20 -5.62
N ASN A 4 16.26 -13.96 -6.89
CA ASN A 4 15.16 -13.09 -7.26
C ASN A 4 13.94 -13.41 -6.39
N LEU A 5 13.49 -14.66 -6.43
CA LEU A 5 12.35 -15.09 -5.64
C LEU A 5 12.55 -14.71 -4.19
N GLU A 6 13.69 -15.12 -3.61
CA GLU A 6 13.99 -14.81 -2.23
C GLU A 6 13.65 -13.37 -1.92
N ILE A 7 13.91 -12.48 -2.89
CA ILE A 7 13.63 -11.07 -2.73
C ILE A 7 12.14 -10.80 -2.96
N ILE A 8 11.55 -11.49 -3.93
CA ILE A 8 10.14 -11.33 -4.25
C ILE A 8 9.31 -11.61 -3.01
N ILE A 9 9.75 -12.58 -2.19
CA ILE A 9 9.05 -12.93 -0.98
C ILE A 9 9.29 -11.88 0.09
N LEU A 10 10.57 -11.62 0.39
CA LEU A 10 10.94 -10.64 1.39
C LEU A 10 10.21 -9.34 1.13
N VAL A 11 10.21 -8.88 -0.12
CA VAL A 11 9.55 -7.65 -0.49
C VAL A 11 8.06 -7.75 -0.18
N GLU A 12 7.43 -8.84 -0.62
CA GLU A 12 6.02 -9.06 -0.37
C GLU A 12 5.68 -8.74 1.07
N THR A 13 6.49 -9.27 2.00
CA THR A 13 6.28 -9.04 3.42
C THR A 13 6.31 -7.54 3.71
N ALA A 14 7.43 -6.89 3.39
CA ALA A 14 7.58 -5.47 3.62
C ALA A 14 6.45 -4.72 2.95
N VAL A 15 5.92 -5.27 1.86
CA VAL A 15 4.83 -4.65 1.13
C VAL A 15 3.59 -4.59 2.02
N ILE A 16 3.04 -5.75 2.35
CA ILE A 16 1.86 -5.83 3.19
C ILE A 16 1.98 -4.83 4.33
N ALA A 17 3.16 -4.77 4.96
CA ALA A 17 3.39 -3.86 6.06
C ALA A 17 3.21 -2.42 5.59
N MET A 18 3.62 -2.15 4.36
CA MET A 18 3.49 -0.81 3.80
C MET A 18 2.03 -0.45 3.62
N GLU A 19 1.30 -1.28 2.86
CA GLU A 19 -0.11 -1.05 2.61
C GLU A 19 -0.79 -0.59 3.89
N PHE A 20 -0.55 -1.31 4.99
CA PHE A 20 -1.14 -0.97 6.27
C PHE A 20 -0.56 0.34 6.78
N TRP A 21 0.70 0.62 6.42
CA TRP A 21 1.35 1.85 6.84
C TRP A 21 0.75 3.03 6.10
N LEU A 22 0.46 2.85 4.81
CA LEU A 22 -0.12 3.90 3.99
C LEU A 22 -1.47 4.30 4.55
N LEU A 23 -2.40 3.35 4.60
CA LEU A 23 -3.73 3.60 5.11
C LEU A 23 -3.64 4.19 6.52
N LEU A 24 -2.92 3.51 7.41
CA LEU A 24 -2.75 3.96 8.77
C LEU A 24 -2.19 5.38 8.78
N VAL A 25 -1.13 5.60 8.00
CA VAL A 25 -0.52 6.91 7.92
C VAL A 25 -1.54 7.94 7.46
N ILE A 26 -2.00 7.81 6.22
CA ILE A 26 -2.97 8.72 5.66
C ILE A 26 -4.19 8.81 6.57
N ILE A 27 -4.36 7.79 7.42
CA ILE A 27 -5.48 7.75 8.34
C ILE A 27 -5.19 8.64 9.55
N LEU A 28 -3.97 8.54 10.07
CA LEU A 28 -3.56 9.34 11.21
C LEU A 28 -3.37 10.79 10.80
N ARG A 29 -2.61 11.01 9.72
CA ARG A 29 -2.36 12.34 9.22
C ARG A 29 -3.67 13.04 8.89
N THR A 30 -4.54 12.33 8.16
CA THR A 30 -5.83 12.87 7.77
C THR A 30 -6.65 13.17 9.02
N VAL A 31 -6.84 12.16 9.87
CA VAL A 31 -7.61 12.31 11.08
C VAL A 31 -7.23 13.62 11.78
N LYS A 32 -5.93 13.91 11.83
CA LYS A 32 -5.43 15.11 12.46
C LYS A 32 -5.85 16.32 11.63
N ARG A 33 -5.86 16.17 10.31
CA ARG A 33 -6.22 17.25 9.42
C ARG A 33 -7.53 17.87 9.88
N ALA A 34 -8.39 17.06 10.50
CA ALA A 34 -9.68 17.53 10.98
C ALA A 34 -9.47 18.47 12.16
N ASN A 35 -8.98 17.92 13.28
CA ASN A 35 -8.74 18.70 14.47
C ASN A 35 -7.59 19.68 14.24
N GLY A 36 -6.94 19.56 13.08
CA GLY A 36 -5.83 20.42 12.74
C GLY A 36 -6.27 21.88 12.72
N GLY A 37 -7.57 22.10 12.50
CA GLY A 37 -8.12 23.44 12.47
C GLY A 37 -7.35 24.29 11.45
N GLU B 1 8.44 -26.19 -5.19
CA GLU B 1 7.31 -25.75 -6.00
C GLU B 1 7.52 -24.32 -6.46
N LYS B 2 7.71 -24.13 -7.77
CA LYS B 2 7.92 -22.81 -8.34
C LYS B 2 6.61 -22.03 -8.34
N THR B 3 5.49 -22.75 -8.29
CA THR B 3 4.19 -22.12 -8.28
C THR B 3 4.15 -20.99 -7.25
N ASN B 4 4.53 -21.31 -6.01
CA ASN B 4 4.54 -20.33 -4.95
C ASN B 4 5.16 -19.03 -5.45
N LEU B 5 6.40 -19.11 -5.93
CA LEU B 5 7.09 -17.94 -6.43
C LEU B 5 6.25 -17.24 -7.48
N GLU B 6 5.80 -18.00 -8.49
CA GLU B 6 4.97 -17.46 -9.55
C GLU B 6 3.90 -16.54 -8.96
N ILE B 7 3.37 -16.93 -7.80
CA ILE B 7 2.34 -16.14 -7.13
C ILE B 7 2.99 -14.99 -6.38
N ILE B 8 4.14 -15.25 -5.74
CA ILE B 8 4.85 -14.23 -5.00
C ILE B 8 5.13 -13.03 -5.90
N ILE B 9 5.44 -13.31 -7.17
CA ILE B 9 5.73 -12.26 -8.14
C ILE B 9 4.44 -11.58 -8.55
N LEU B 10 3.48 -12.36 -9.04
CA LEU B 10 2.20 -11.82 -9.48
C LEU B 10 1.63 -10.90 -8.40
N VAL B 11 1.62 -11.39 -7.15
CA VAL B 11 1.10 -10.62 -6.04
C VAL B 11 1.87 -9.31 -5.92
N GLU B 12 3.21 -9.40 -5.92
CA GLU B 12 4.05 -8.23 -5.80
C GLU B 12 3.55 -7.13 -6.73
N THR B 13 3.27 -7.49 -7.98
CA THR B 13 2.78 -6.54 -8.95
C THR B 13 1.49 -5.91 -8.46
N ALA B 14 0.47 -6.75 -8.20
CA ALA B 14 -0.81 -6.26 -7.73
C ALA B 14 -0.61 -5.43 -6.47
N VAL B 15 0.44 -5.75 -5.70
CA VAL B 15 0.73 -5.02 -4.47
C VAL B 15 1.07 -3.58 -4.80
N ILE B 16 2.18 -3.36 -5.50
CA ILE B 16 2.61 -2.04 -5.87
C ILE B 16 1.41 -1.22 -6.34
N ALA B 17 0.57 -1.82 -7.17
CA ALA B 17 -0.61 -1.15 -7.68
C ALA B 17 -1.52 -0.75 -6.53
N MET B 18 -1.59 -1.59 -5.50
CA MET B 18 -2.42 -1.31 -4.34
C MET B 18 -1.88 -0.11 -3.59
N GLU B 19 -0.62 -0.19 -3.17
CA GLU B 19 0.01 0.88 -2.44
C GLU B 19 -0.37 2.22 -3.06
N PHE B 20 -0.25 2.33 -4.39
CA PHE B 20 -0.59 3.55 -5.09
C PHE B 20 -2.08 3.79 -5.01
N TRP B 21 -2.87 2.71 -4.95
CA TRP B 21 -4.31 2.81 -4.88
C TRP B 21 -4.72 3.33 -3.51
N LEU B 22 -4.04 2.86 -2.46
CA LEU B 22 -4.34 3.27 -1.11
C LEU B 22 -4.11 4.77 -0.96
N LEU B 23 -2.87 5.21 -1.21
CA LEU B 23 -2.53 6.61 -1.10
C LEU B 23 -3.46 7.43 -1.99
N LEU B 24 -3.56 7.07 -3.26
CA LEU B 24 -4.41 7.78 -4.20
C LEU B 24 -5.84 7.82 -3.66
N VAL B 25 -6.35 6.66 -3.22
CA VAL B 25 -7.69 6.58 -2.70
C VAL B 25 -7.85 7.51 -1.52
N ILE B 26 -7.13 7.21 -0.42
CA ILE B 26 -7.18 8.03 0.77
C ILE B 26 -6.87 9.48 0.42
N ILE B 27 -6.21 9.69 -0.72
CA ILE B 27 -5.87 11.02 -1.16
C ILE B 27 -7.08 11.69 -1.79
N LEU B 28 -7.81 10.95 -2.62
CA LEU B 28 -8.99 11.47 -3.28
C LEU B 28 -10.13 11.61 -2.28
N ARG B 29 -10.38 10.54 -1.51
CA ARG B 29 -11.44 10.55 -0.52
C ARG B 29 -11.20 11.67 0.48
N THR B 30 -9.97 11.76 0.98
CA THR B 30 -9.61 12.78 1.95
C THR B 30 -9.77 14.16 1.33
N VAL B 31 -9.13 14.38 0.18
CA VAL B 31 -9.20 15.65 -0.51
C VAL B 31 -10.65 16.13 -0.54
N LYS B 32 -11.58 15.21 -0.82
CA LYS B 32 -12.99 15.55 -0.87
C LYS B 32 -13.50 15.89 0.53
N ARG B 33 -12.98 15.18 1.53
CA ARG B 33 -13.39 15.40 2.91
C ARG B 33 -13.32 16.89 3.23
N ALA B 34 -12.41 17.61 2.57
CA ALA B 34 -12.25 19.03 2.79
C ALA B 34 -13.45 19.78 2.23
N ASN B 35 -13.60 19.74 0.90
CA ASN B 35 -14.71 20.42 0.24
C ASN B 35 -16.01 19.72 0.58
N GLY B 36 -15.92 18.58 1.28
CA GLY B 36 -17.10 17.82 1.67
C GLY B 36 -18.01 18.67 2.53
N GLY B 37 -17.45 19.68 3.20
CA GLY B 37 -18.22 20.56 4.05
C GLY B 37 -19.00 19.74 5.08
N GLU A 1 17.30 -17.39 -12.39
CA GLU A 1 17.88 -17.01 -11.12
C GLU A 1 16.82 -17.07 -10.02
N LYS A 2 17.02 -17.99 -9.07
CA LYS A 2 16.09 -18.14 -7.96
C LYS A 2 16.21 -16.97 -7.01
N THR A 3 17.36 -16.28 -7.05
CA THR A 3 17.59 -15.14 -6.19
C THR A 3 16.43 -14.15 -6.31
N ASN A 4 16.03 -13.86 -7.55
CA ASN A 4 14.95 -12.94 -7.80
C ASN A 4 13.75 -13.30 -6.91
N LEU A 5 13.26 -14.53 -7.06
CA LEU A 5 12.12 -14.99 -6.28
C LEU A 5 12.35 -14.68 -4.80
N GLU A 6 13.49 -15.12 -4.27
CA GLU A 6 13.82 -14.87 -2.88
C GLU A 6 13.48 -13.44 -2.50
N ILE A 7 13.85 -12.49 -3.39
CA ILE A 7 13.59 -11.09 -3.15
C ILE A 7 12.10 -10.80 -3.32
N ILE A 8 11.48 -11.39 -4.34
CA ILE A 8 10.07 -11.20 -4.60
C ILE A 8 9.28 -11.50 -3.35
N ILE A 9 9.74 -12.47 -2.54
CA ILE A 9 9.07 -12.84 -1.32
C ILE A 9 9.32 -11.79 -0.25
N LEU A 10 10.60 -11.53 0.04
CA LEU A 10 10.97 -10.55 1.05
C LEU A 10 10.23 -9.25 0.80
N VAL A 11 10.20 -8.81 -0.47
CA VAL A 11 9.53 -7.58 -0.84
C VAL A 11 8.05 -7.68 -0.51
N GLU A 12 7.42 -8.80 -0.91
CA GLU A 12 6.01 -9.01 -0.64
C GLU A 12 5.70 -8.69 0.81
N THR A 13 6.51 -9.22 1.73
CA THR A 13 6.32 -8.99 3.14
C THR A 13 6.35 -7.50 3.43
N ALA A 14 7.48 -6.85 3.12
CA ALA A 14 7.63 -5.42 3.35
C ALA A 14 6.49 -4.67 2.66
N VAL A 15 5.97 -5.24 1.58
CA VAL A 15 4.89 -4.62 0.84
C VAL A 15 3.64 -4.54 1.71
N ILE A 16 3.08 -5.70 2.05
CA ILE A 16 1.90 -5.77 2.88
C ILE A 16 2.02 -4.77 4.03
N ALA A 17 3.21 -4.70 4.63
CA ALA A 17 3.44 -3.79 5.73
C ALA A 17 3.28 -2.34 5.27
N MET A 18 3.69 -2.08 4.02
CA MET A 18 3.58 -0.75 3.46
C MET A 18 2.12 -0.36 3.31
N GLU A 19 1.38 -1.13 2.51
CA GLU A 19 -0.03 -0.86 2.28
C GLU A 19 -0.69 -0.46 3.57
N PHE A 20 -0.45 -1.23 4.64
CA PHE A 20 -1.03 -0.95 5.94
C PHE A 20 -0.47 0.35 6.48
N TRP A 21 0.79 0.65 6.14
CA TRP A 21 1.42 1.88 6.59
C TRP A 21 0.81 3.08 5.89
N LEU A 22 0.57 2.94 4.58
CA LEU A 22 -0.01 4.02 3.81
C LEU A 22 -1.37 4.39 4.38
N LEU A 23 -2.30 3.44 4.42
CA LEU A 23 -3.63 3.67 4.94
C LEU A 23 -3.53 4.26 6.34
N LEU A 24 -2.84 3.56 7.24
CA LEU A 24 -2.67 4.01 8.61
C LEU A 24 -2.08 5.42 8.62
N VAL A 25 -1.11 5.66 7.74
CA VAL A 25 -0.46 6.95 7.65
C VAL A 25 -1.48 8.01 7.23
N ILE A 26 -1.97 7.90 5.99
CA ILE A 26 -2.95 8.85 5.47
C ILE A 26 -4.14 8.90 6.39
N ILE A 27 -4.33 7.87 7.21
CA ILE A 27 -5.44 7.80 8.15
C ILE A 27 -5.12 8.63 9.38
N LEU A 28 -3.87 8.56 9.85
CA LEU A 28 -3.44 9.31 11.02
C LEU A 28 -3.25 10.77 10.65
N ARG A 29 -2.52 11.03 9.57
CA ARG A 29 -2.27 12.38 9.12
C ARG A 29 -3.58 13.08 8.81
N THR A 30 -4.46 12.40 8.08
CA THR A 30 -5.76 12.96 7.72
C THR A 30 -6.56 13.24 8.99
N VAL A 31 -6.74 12.20 9.82
CA VAL A 31 -7.49 12.32 11.04
C VAL A 31 -7.09 13.60 11.77
N LYS A 32 -5.79 13.88 11.80
CA LYS A 32 -5.28 15.07 12.47
C LYS A 32 -5.69 16.31 11.68
N ARG A 33 -5.72 16.18 10.35
CA ARG A 33 -6.10 17.29 9.50
C ARG A 33 -7.40 17.91 9.99
N ALA A 34 -8.25 17.09 10.61
CA ALA A 34 -9.53 17.56 11.13
C ALA A 34 -9.30 18.37 12.39
N ASN A 35 -8.37 17.92 13.23
CA ASN A 35 -8.07 18.60 14.47
C ASN A 35 -7.39 19.94 14.18
N GLY A 36 -6.20 19.88 13.59
CA GLY A 36 -5.46 21.09 13.25
C GLY A 36 -6.39 22.12 12.64
N GLY A 37 -7.53 21.67 12.11
CA GLY A 37 -8.50 22.56 11.50
C GLY A 37 -8.41 22.48 9.99
N GLU B 1 8.32 -25.84 -4.43
CA GLU B 1 7.30 -25.51 -5.42
C GLU B 1 7.57 -24.14 -6.01
N LYS B 2 7.87 -24.10 -7.30
CA LYS B 2 8.16 -22.85 -7.98
C LYS B 2 6.88 -22.06 -8.17
N THR B 3 5.74 -22.76 -8.15
CA THR B 3 4.45 -22.13 -8.32
C THR B 3 4.31 -20.94 -7.36
N ASN B 4 4.68 -21.17 -6.10
CA ASN B 4 4.60 -20.12 -5.09
C ASN B 4 5.25 -18.85 -5.61
N LEU B 5 6.54 -18.94 -5.98
CA LEU B 5 7.26 -17.80 -6.50
C LEU B 5 6.44 -17.12 -7.59
N GLU B 6 6.02 -17.89 -8.59
CA GLU B 6 5.24 -17.36 -9.68
C GLU B 6 4.16 -16.43 -9.15
N ILE B 7 3.49 -16.84 -8.07
CA ILE B 7 2.44 -16.05 -7.46
C ILE B 7 3.04 -14.87 -6.73
N ILE B 8 4.15 -15.11 -6.02
CA ILE B 8 4.83 -14.06 -5.28
C ILE B 8 5.11 -12.88 -6.20
N ILE B 9 5.37 -13.16 -7.48
CA ILE B 9 5.66 -12.13 -8.45
C ILE B 9 4.37 -11.43 -8.85
N LEU B 10 3.39 -12.20 -9.35
CA LEU B 10 2.12 -11.65 -9.76
C LEU B 10 1.56 -10.76 -8.65
N VAL B 11 1.62 -11.25 -7.42
CA VAL B 11 1.11 -10.49 -6.28
C VAL B 11 1.88 -9.19 -6.15
N GLU B 12 3.21 -9.26 -6.21
CA GLU B 12 4.05 -8.08 -6.11
C GLU B 12 3.51 -6.98 -7.02
N THR B 13 3.23 -7.33 -8.27
CA THR B 13 2.71 -6.38 -9.23
C THR B 13 1.44 -5.75 -8.71
N ALA B 14 0.42 -6.59 -8.47
CA ALA B 14 -0.86 -6.11 -7.97
C ALA B 14 -0.65 -5.33 -6.69
N VAL B 15 0.41 -5.66 -5.95
CA VAL B 15 0.72 -4.97 -4.70
C VAL B 15 1.05 -3.52 -4.98
N ILE B 16 2.16 -3.29 -5.69
CA ILE B 16 2.59 -1.94 -6.02
C ILE B 16 1.39 -1.11 -6.47
N ALA B 17 0.52 -1.72 -7.28
CA ALA B 17 -0.66 -1.03 -7.77
C ALA B 17 -1.58 -0.68 -6.61
N MET B 18 -1.62 -1.54 -5.59
CA MET B 18 -2.45 -1.30 -4.43
C MET B 18 -1.94 -0.10 -3.66
N GLU B 19 -0.70 -0.18 -3.19
CA GLU B 19 -0.08 0.90 -2.44
C GLU B 19 -0.45 2.24 -3.08
N PHE B 20 -0.28 2.34 -4.40
CA PHE B 20 -0.59 3.55 -5.12
C PHE B 20 -2.10 3.82 -5.05
N TRP B 21 -2.89 2.75 -5.01
CA TRP B 21 -4.34 2.88 -4.95
C TRP B 21 -4.75 3.41 -3.58
N LEU B 22 -4.12 2.89 -2.52
CA LEU B 22 -4.42 3.31 -1.18
C LEU B 22 -4.18 4.80 -1.03
N LEU B 23 -2.93 5.23 -1.26
CA LEU B 23 -2.58 6.64 -1.17
C LEU B 23 -3.53 7.47 -2.01
N LEU B 24 -3.60 7.15 -3.30
CA LEU B 24 -4.47 7.87 -4.22
C LEU B 24 -5.89 7.88 -3.69
N VAL B 25 -6.33 6.74 -3.15
CA VAL B 25 -7.67 6.61 -2.62
C VAL B 25 -7.84 7.55 -1.43
N ILE B 26 -7.12 7.27 -0.34
CA ILE B 26 -7.20 8.10 0.85
C ILE B 26 -6.88 9.54 0.50
N ILE B 27 -6.21 9.76 -0.63
CA ILE B 27 -5.86 11.09 -1.08
C ILE B 27 -7.06 11.75 -1.73
N LEU B 28 -7.80 10.98 -2.53
CA LEU B 28 -8.98 11.49 -3.22
C LEU B 28 -10.12 11.64 -2.23
N ARG B 29 -10.39 10.58 -1.45
CA ARG B 29 -11.46 10.60 -0.48
C ARG B 29 -11.22 11.73 0.52
N THR B 30 -10.00 11.82 1.04
CA THR B 30 -9.65 12.85 1.99
C THR B 30 -9.82 14.22 1.37
N VAL B 31 -9.16 14.45 0.23
CA VAL B 31 -9.23 15.71 -0.47
C VAL B 31 -10.67 16.19 -0.51
N LYS B 32 -11.60 15.27 -0.80
CA LYS B 32 -13.01 15.60 -0.87
C LYS B 32 -13.54 15.94 0.52
N ARG B 33 -13.02 15.24 1.54
CA ARG B 33 -13.43 15.48 2.91
C ARG B 33 -13.38 16.96 3.23
N ALA B 34 -12.47 17.68 2.56
CA ALA B 34 -12.32 19.11 2.77
C ALA B 34 -13.46 19.85 2.10
N ASN B 35 -13.86 19.40 0.91
CA ASN B 35 -14.94 20.02 0.18
C ASN B 35 -16.26 19.78 0.89
N GLY B 36 -16.67 18.51 0.99
CA GLY B 36 -17.91 18.17 1.65
C GLY B 36 -18.05 18.94 2.96
N GLY B 37 -16.93 19.42 3.49
CA GLY B 37 -16.92 20.18 4.73
C GLY B 37 -16.45 19.30 5.88
N GLU A 1 17.89 -18.26 -11.68
CA GLU A 1 18.19 -17.20 -10.74
C GLU A 1 17.15 -17.20 -9.62
N LYS A 2 17.31 -18.12 -8.67
CA LYS A 2 16.40 -18.23 -7.54
C LYS A 2 16.52 -16.99 -6.66
N THR A 3 17.64 -16.29 -6.77
CA THR A 3 17.87 -15.09 -5.99
C THR A 3 16.72 -14.12 -6.18
N ASN A 4 16.30 -13.93 -7.44
CA ASN A 4 15.22 -13.02 -7.75
C ASN A 4 14.02 -13.33 -6.87
N LEU A 5 13.52 -14.57 -6.95
CA LEU A 5 12.38 -15.00 -6.16
C LEU A 5 12.61 -14.66 -4.70
N GLU A 6 13.76 -15.06 -4.16
CA GLU A 6 14.09 -14.80 -2.78
C GLU A 6 13.75 -13.35 -2.43
N ILE A 7 14.08 -12.43 -3.33
CA ILE A 7 13.82 -11.02 -3.12
C ILE A 7 12.33 -10.75 -3.28
N ILE A 8 11.71 -11.36 -4.30
CA ILE A 8 10.30 -11.19 -4.55
C ILE A 8 9.51 -11.47 -3.29
N ILE A 9 9.99 -12.42 -2.48
CA ILE A 9 9.33 -12.78 -1.24
C ILE A 9 9.58 -11.71 -0.19
N LEU A 10 10.85 -11.44 0.10
CA LEU A 10 11.23 -10.44 1.08
C LEU A 10 10.47 -9.15 0.81
N VAL A 11 10.44 -8.73 -0.46
CA VAL A 11 9.76 -7.52 -0.86
C VAL A 11 8.28 -7.62 -0.51
N GLU A 12 7.65 -8.74 -0.88
CA GLU A 12 6.25 -8.95 -0.61
C GLU A 12 5.95 -8.61 0.84
N THR A 13 6.77 -9.12 1.76
CA THR A 13 6.58 -8.87 3.18
C THR A 13 6.60 -7.37 3.44
N ALA A 14 7.72 -6.71 3.11
CA ALA A 14 7.86 -5.29 3.31
C ALA A 14 6.71 -4.55 2.62
N VAL A 15 6.19 -5.14 1.54
CA VAL A 15 5.10 -4.55 0.80
C VAL A 15 3.85 -4.46 1.68
N ILE A 16 3.30 -5.62 2.05
CA ILE A 16 2.13 -5.68 2.88
C ILE A 16 2.25 -4.66 4.01
N ALA A 17 3.43 -4.57 4.61
CA ALA A 17 3.68 -3.64 5.70
C ALA A 17 3.51 -2.20 5.20
N MET A 18 3.90 -1.96 3.95
CA MET A 18 3.78 -0.64 3.36
C MET A 18 2.32 -0.26 3.21
N GLU A 19 1.58 -1.05 2.42
CA GLU A 19 0.17 -0.80 2.20
C GLU A 19 -0.49 -0.38 3.50
N PHE A 20 -0.24 -1.12 4.58
CA PHE A 20 -0.81 -0.83 5.87
C PHE A 20 -0.26 0.48 6.39
N TRP A 21 1.00 0.79 6.03
CA TRP A 21 1.64 2.01 6.47
C TRP A 21 1.02 3.20 5.76
N LEU A 22 0.75 3.04 4.45
CA LEU A 22 0.16 4.10 3.65
C LEU A 22 -1.20 4.48 4.24
N LEU A 23 -2.12 3.53 4.29
CA LEU A 23 -3.45 3.77 4.82
C LEU A 23 -3.34 4.36 6.22
N LEU A 24 -2.62 3.68 7.11
CA LEU A 24 -2.45 4.15 8.47
C LEU A 24 -1.87 5.56 8.46
N VAL A 25 -0.89 5.79 7.59
CA VAL A 25 -0.25 7.09 7.48
C VAL A 25 -1.28 8.14 7.06
N ILE A 26 -1.78 8.02 5.83
CA ILE A 26 -2.76 8.94 5.31
C ILE A 26 -3.96 9.00 6.25
N ILE A 27 -4.12 7.98 7.08
CA ILE A 27 -5.22 7.92 8.03
C ILE A 27 -4.89 8.79 9.25
N LEU A 28 -3.65 8.70 9.72
CA LEU A 28 -3.21 9.47 10.87
C LEU A 28 -3.04 10.93 10.48
N ARG A 29 -2.32 11.17 9.39
CA ARG A 29 -2.08 12.52 8.91
C ARG A 29 -3.41 13.20 8.61
N THR A 30 -4.29 12.52 7.89
CA THR A 30 -5.59 13.06 7.55
C THR A 30 -6.39 13.33 8.81
N VAL A 31 -6.55 12.30 9.64
CA VAL A 31 -7.29 12.43 10.88
C VAL A 31 -6.90 13.71 11.58
N LYS A 32 -5.60 14.00 11.63
CA LYS A 32 -5.10 15.20 12.28
C LYS A 32 -5.53 16.42 11.48
N ARG A 33 -5.57 16.29 10.16
CA ARG A 33 -5.96 17.38 9.29
C ARG A 33 -7.27 17.99 9.77
N ALA A 34 -8.10 17.17 10.40
CA ALA A 34 -9.38 17.62 10.91
C ALA A 34 -9.17 18.44 12.18
N ASN A 35 -8.34 17.93 13.09
CA ASN A 35 -8.07 18.60 14.34
C ASN A 35 -7.51 19.99 14.06
N GLY A 36 -7.46 20.37 12.78
CA GLY A 36 -6.94 21.66 12.38
C GLY A 36 -8.06 22.70 12.39
N GLY A 37 -8.97 22.59 13.34
CA GLY A 37 -10.08 23.51 13.45
C GLY A 37 -10.85 23.29 14.74
N GLU B 1 8.71 -26.01 -4.83
CA GLU B 1 7.45 -25.48 -5.32
C GLU B 1 7.68 -24.11 -5.95
N LYS B 2 8.10 -24.10 -7.22
CA LYS B 2 8.34 -22.86 -7.93
C LYS B 2 7.03 -22.09 -8.10
N THR B 3 5.90 -22.79 -8.01
CA THR B 3 4.60 -22.17 -8.15
C THR B 3 4.49 -21.01 -7.18
N ASN B 4 4.90 -21.23 -5.92
CA ASN B 4 4.83 -20.19 -4.91
C ASN B 4 5.46 -18.91 -5.43
N LEU B 5 6.74 -19.00 -5.82
CA LEU B 5 7.45 -17.84 -6.34
C LEU B 5 6.63 -17.18 -7.44
N GLU B 6 6.20 -17.96 -8.43
CA GLU B 6 5.41 -17.44 -9.53
C GLU B 6 4.33 -16.51 -9.00
N ILE B 7 3.68 -16.92 -7.91
CA ILE B 7 2.63 -16.11 -7.31
C ILE B 7 3.24 -14.91 -6.60
N ILE B 8 4.36 -15.14 -5.89
CA ILE B 8 5.02 -14.07 -5.17
C ILE B 8 5.30 -12.92 -6.12
N ILE B 9 5.56 -13.22 -7.39
CA ILE B 9 5.83 -12.20 -8.38
C ILE B 9 4.54 -11.50 -8.78
N LEU B 10 3.57 -12.28 -9.26
CA LEU B 10 2.29 -11.75 -9.67
C LEU B 10 1.73 -10.85 -8.58
N VAL B 11 1.79 -11.31 -7.32
CA VAL B 11 1.30 -10.54 -6.20
C VAL B 11 2.05 -9.23 -6.10
N GLU B 12 3.38 -9.31 -6.17
CA GLU B 12 4.22 -8.12 -6.08
C GLU B 12 3.68 -7.04 -7.01
N THR B 13 3.39 -7.41 -8.26
CA THR B 13 2.86 -6.47 -9.23
C THR B 13 1.57 -5.84 -8.70
N ALA B 14 0.57 -6.67 -8.45
CA ALA B 14 -0.71 -6.20 -7.95
C ALA B 14 -0.49 -5.39 -6.68
N VAL B 15 0.57 -5.71 -5.95
CA VAL B 15 0.89 -5.01 -4.71
C VAL B 15 1.21 -3.56 -5.02
N ILE B 16 2.32 -3.33 -5.73
CA ILE B 16 2.73 -1.98 -6.08
C ILE B 16 1.53 -1.17 -6.53
N ALA B 17 0.66 -1.79 -7.33
CA ALA B 17 -0.54 -1.12 -7.83
C ALA B 17 -1.44 -0.75 -6.67
N MET B 18 -1.48 -1.60 -5.64
CA MET B 18 -2.30 -1.34 -4.48
C MET B 18 -1.79 -0.12 -3.73
N GLU B 19 -0.54 -0.19 -3.26
CA GLU B 19 0.07 0.91 -2.53
C GLU B 19 -0.30 2.23 -3.18
N PHE B 20 -0.15 2.30 -4.50
CA PHE B 20 -0.46 3.51 -5.24
C PHE B 20 -1.97 3.77 -5.18
N TRP B 21 -2.76 2.70 -5.11
CA TRP B 21 -4.20 2.83 -5.04
C TRP B 21 -4.61 3.36 -3.68
N LEU B 22 -3.96 2.88 -2.62
CA LEU B 22 -4.25 3.31 -1.27
C LEU B 22 -4.01 4.81 -1.15
N LEU B 23 -2.78 5.25 -1.40
CA LEU B 23 -2.44 6.65 -1.31
C LEU B 23 -3.39 7.47 -2.18
N LEU B 24 -3.48 7.12 -3.46
CA LEU B 24 -4.35 7.81 -4.39
C LEU B 24 -5.77 7.83 -3.86
N VAL B 25 -6.22 6.69 -3.32
CA VAL B 25 -7.56 6.57 -2.77
C VAL B 25 -7.72 7.53 -1.61
N ILE B 26 -6.99 7.27 -0.51
CA ILE B 26 -7.05 8.11 0.67
C ILE B 26 -6.76 9.55 0.29
N ILE B 27 -6.11 9.76 -0.85
CA ILE B 27 -5.77 11.08 -1.32
C ILE B 27 -6.98 11.72 -1.98
N LEU B 28 -7.72 10.94 -2.78
CA LEU B 28 -8.89 11.44 -3.45
C LEU B 28 -10.03 11.60 -2.46
N ARG B 29 -10.28 10.56 -1.66
CA ARG B 29 -11.34 10.58 -0.67
C ARG B 29 -11.10 11.73 0.31
N THR B 30 -9.87 11.83 0.81
CA THR B 30 -9.52 12.88 1.75
C THR B 30 -9.68 14.24 1.09
N VAL B 31 -9.04 14.43 -0.05
CA VAL B 31 -9.12 15.69 -0.77
C VAL B 31 -10.57 16.17 -0.82
N LYS B 32 -11.48 15.25 -1.10
CA LYS B 32 -12.89 15.59 -1.16
C LYS B 32 -13.41 15.93 0.22
N ARG B 33 -12.88 15.26 1.25
CA ARG B 33 -13.30 15.50 2.61
C ARG B 33 -13.23 16.99 2.92
N ALA B 34 -12.32 17.70 2.24
CA ALA B 34 -12.16 19.13 2.45
C ALA B 34 -13.30 19.87 1.76
N ASN B 35 -13.61 19.49 0.52
CA ASN B 35 -14.67 20.13 -0.23
C ASN B 35 -15.98 20.02 0.53
N GLY B 36 -15.92 19.47 1.74
CA GLY B 36 -17.10 19.31 2.57
C GLY B 36 -17.33 20.55 3.41
N GLY B 37 -17.06 21.72 2.84
CA GLY B 37 -17.24 22.97 3.53
C GLY B 37 -17.05 24.15 2.58
N GLU A 1 18.19 -18.11 -11.09
CA GLU A 1 18.56 -17.18 -10.05
C GLU A 1 17.44 -17.08 -9.02
N LYS A 2 17.36 -18.07 -8.14
CA LYS A 2 16.34 -18.10 -7.10
C LYS A 2 16.39 -16.81 -6.29
N THR A 3 17.54 -16.12 -6.34
CA THR A 3 17.70 -14.87 -5.62
C THR A 3 16.52 -13.96 -5.88
N ASN A 4 16.19 -13.76 -7.15
CA ASN A 4 15.08 -12.90 -7.52
C ASN A 4 13.88 -13.21 -6.64
N LEU A 5 13.43 -14.47 -6.64
CA LEU A 5 12.30 -14.88 -5.85
C LEU A 5 12.51 -14.49 -4.39
N GLU A 6 13.66 -14.89 -3.82
CA GLU A 6 13.98 -14.57 -2.45
C GLU A 6 13.63 -13.11 -2.16
N ILE A 7 13.85 -12.24 -3.14
CA ILE A 7 13.57 -10.83 -3.00
C ILE A 7 12.08 -10.58 -3.20
N ILE A 8 11.49 -11.26 -4.18
CA ILE A 8 10.08 -11.11 -4.47
C ILE A 8 9.26 -11.40 -3.22
N ILE A 9 9.71 -12.35 -2.42
CA ILE A 9 9.03 -12.71 -1.19
C ILE A 9 9.28 -11.66 -0.13
N LEU A 10 10.56 -11.37 0.15
CA LEU A 10 10.93 -10.39 1.14
C LEU A 10 10.17 -9.08 0.88
N VAL A 11 10.14 -8.65 -0.38
CA VAL A 11 9.45 -7.42 -0.75
C VAL A 11 7.98 -7.55 -0.41
N GLU A 12 7.36 -8.67 -0.80
CA GLU A 12 5.96 -8.91 -0.54
C GLU A 12 5.64 -8.58 0.92
N THR A 13 6.48 -9.08 1.83
CA THR A 13 6.28 -8.83 3.25
C THR A 13 6.30 -7.34 3.53
N ALA A 14 7.42 -6.69 3.21
CA ALA A 14 7.56 -5.26 3.43
C ALA A 14 6.42 -4.52 2.74
N VAL A 15 5.89 -5.10 1.67
CA VAL A 15 4.80 -4.50 0.93
C VAL A 15 3.57 -4.41 1.80
N ILE A 16 3.01 -5.57 2.17
CA ILE A 16 1.82 -5.63 3.00
C ILE A 16 1.95 -4.62 4.14
N ALA A 17 3.15 -4.54 4.73
CA ALA A 17 3.39 -3.63 5.83
C ALA A 17 3.23 -2.20 5.35
N MET A 18 3.60 -1.93 4.10
CA MET A 18 3.50 -0.60 3.53
C MET A 18 2.03 -0.22 3.38
N GLU A 19 1.29 -1.01 2.59
CA GLU A 19 -0.12 -0.75 2.38
C GLU A 19 -0.77 -0.33 3.69
N PHE A 20 -0.52 -1.09 4.75
CA PHE A 20 -1.09 -0.79 6.05
C PHE A 20 -0.53 0.52 6.58
N TRP A 21 0.72 0.82 6.22
CA TRP A 21 1.35 2.06 6.65
C TRP A 21 0.73 3.24 5.94
N LEU A 22 0.47 3.10 4.64
CA LEU A 22 -0.13 4.15 3.85
C LEU A 22 -1.48 4.53 4.43
N LEU A 23 -2.40 3.56 4.49
CA LEU A 23 -3.72 3.81 5.03
C LEU A 23 -3.62 4.41 6.42
N LEU A 24 -2.91 3.72 7.32
CA LEU A 24 -2.74 4.20 8.68
C LEU A 24 -2.15 5.59 8.67
N VAL A 25 -1.19 5.84 7.76
CA VAL A 25 -0.56 7.14 7.66
C VAL A 25 -1.58 8.17 7.24
N ILE A 26 -2.08 8.05 6.01
CA ILE A 26 -3.07 8.99 5.49
C ILE A 26 -4.27 9.04 6.43
N ILE A 27 -4.44 8.01 7.25
CA ILE A 27 -5.53 7.95 8.20
C ILE A 27 -5.20 8.80 9.42
N LEU A 28 -3.95 8.75 9.87
CA LEU A 28 -3.52 9.51 11.03
C LEU A 28 -3.34 10.97 10.64
N ARG A 29 -2.61 11.22 9.55
CA ARG A 29 -2.38 12.57 9.08
C ARG A 29 -3.71 13.25 8.79
N THR A 30 -4.60 12.55 8.07
CA THR A 30 -5.89 13.10 7.72
C THR A 30 -6.69 13.38 9.00
N VAL A 31 -6.85 12.35 9.83
CA VAL A 31 -7.59 12.49 11.08
C VAL A 31 -7.19 13.79 11.77
N LYS A 32 -5.88 14.07 11.80
CA LYS A 32 -5.37 15.27 12.44
C LYS A 32 -5.81 16.49 11.65
N ARG A 33 -5.85 16.37 10.32
CA ARG A 33 -6.25 17.46 9.45
C ARG A 33 -7.55 18.08 9.96
N ALA A 34 -8.38 17.26 10.60
CA ALA A 34 -9.65 17.72 11.12
C ALA A 34 -9.41 18.55 12.38
N ASN A 35 -8.49 18.10 13.24
CA ASN A 35 -8.18 18.79 14.46
C ASN A 35 -7.53 20.13 14.14
N GLY A 36 -6.80 20.18 13.03
CA GLY A 36 -6.12 21.39 12.62
C GLY A 36 -4.65 21.12 12.35
N GLY A 37 -4.33 19.86 12.03
CA GLY A 37 -2.96 19.46 11.76
C GLY A 37 -2.76 19.26 10.27
N GLU B 1 8.09 -26.19 -5.92
CA GLU B 1 6.82 -25.63 -6.38
C GLU B 1 7.01 -24.19 -6.81
N LYS B 2 7.57 -23.99 -8.01
CA LYS B 2 7.80 -22.66 -8.54
C LYS B 2 6.51 -21.87 -8.53
N THR B 3 5.37 -22.58 -8.50
CA THR B 3 4.07 -21.94 -8.49
C THR B 3 4.06 -20.82 -7.46
N ASN B 4 4.45 -21.14 -6.22
CA ASN B 4 4.48 -20.16 -5.15
C ASN B 4 5.07 -18.86 -5.65
N LEU B 5 6.31 -18.93 -6.16
CA LEU B 5 6.99 -17.75 -6.67
C LEU B 5 6.12 -17.05 -7.70
N GLU B 6 5.67 -17.80 -8.71
CA GLU B 6 4.82 -17.25 -9.75
C GLU B 6 3.76 -16.36 -9.14
N ILE B 7 3.25 -16.74 -7.97
CA ILE B 7 2.22 -15.97 -7.28
C ILE B 7 2.88 -14.82 -6.54
N ILE B 8 4.03 -15.07 -5.92
CA ILE B 8 4.74 -14.04 -5.18
C ILE B 8 5.02 -12.85 -6.08
N ILE B 9 5.29 -13.11 -7.36
CA ILE B 9 5.57 -12.07 -8.33
C ILE B 9 4.27 -11.38 -8.72
N LEU B 10 3.29 -12.17 -9.19
CA LEU B 10 2.01 -11.63 -9.60
C LEU B 10 1.45 -10.73 -8.50
N VAL B 11 1.50 -11.20 -7.26
CA VAL B 11 1.00 -10.44 -6.13
C VAL B 11 1.77 -9.13 -6.02
N GLU B 12 3.10 -9.22 -6.08
CA GLU B 12 3.95 -8.04 -5.98
C GLU B 12 3.41 -6.94 -6.90
N THR B 13 3.10 -7.30 -8.14
CA THR B 13 2.58 -6.34 -9.10
C THR B 13 1.30 -5.73 -8.58
N ALA B 14 0.29 -6.56 -8.33
CA ALA B 14 -0.99 -6.09 -7.83
C ALA B 14 -0.77 -5.30 -6.56
N VAL B 15 0.29 -5.60 -5.82
CA VAL B 15 0.61 -4.92 -4.58
C VAL B 15 0.92 -3.46 -4.87
N ILE B 16 2.03 -3.22 -5.58
CA ILE B 16 2.43 -1.86 -5.93
C ILE B 16 1.22 -1.06 -6.38
N ALA B 17 0.36 -1.67 -7.17
CA ALA B 17 -0.83 -1.02 -7.67
C ALA B 17 -1.74 -0.65 -6.51
N MET B 18 -1.78 -1.51 -5.49
CA MET B 18 -2.60 -1.27 -4.32
C MET B 18 -2.09 -0.05 -3.56
N GLU B 19 -0.85 -0.11 -3.09
CA GLU B 19 -0.24 0.98 -2.37
C GLU B 19 -0.63 2.31 -3.01
N PHE B 20 -0.48 2.39 -4.34
CA PHE B 20 -0.81 3.60 -5.06
C PHE B 20 -2.31 3.86 -4.99
N TRP B 21 -3.10 2.79 -4.92
CA TRP B 21 -4.54 2.90 -4.84
C TRP B 21 -4.94 3.44 -3.48
N LEU B 22 -4.29 2.93 -2.42
CA LEU B 22 -4.59 3.36 -1.08
C LEU B 22 -4.36 4.85 -0.94
N LEU B 23 -3.13 5.30 -1.20
CA LEU B 23 -2.78 6.70 -1.11
C LEU B 23 -3.74 7.53 -1.95
N LEU B 24 -3.82 7.19 -3.24
CA LEU B 24 -4.70 7.89 -4.15
C LEU B 24 -6.14 7.89 -3.61
N VAL B 25 -6.55 6.74 -3.06
CA VAL B 25 -7.88 6.61 -2.51
C VAL B 25 -8.05 7.56 -1.32
N ILE B 26 -7.32 7.30 -0.24
CA ILE B 26 -7.38 8.13 0.95
C ILE B 26 -7.10 9.58 0.58
N ILE B 27 -6.43 9.78 -0.56
CA ILE B 27 -6.10 11.12 -1.03
C ILE B 27 -7.31 11.75 -1.68
N LEU B 28 -8.07 10.97 -2.45
CA LEU B 28 -9.25 11.47 -3.12
C LEU B 28 -10.39 11.62 -2.13
N ARG B 29 -10.63 10.57 -1.34
CA ARG B 29 -11.69 10.58 -0.35
C ARG B 29 -11.45 11.71 0.64
N THR B 30 -10.22 11.82 1.13
CA THR B 30 -9.87 12.87 2.08
C THR B 30 -10.06 14.24 1.44
N VAL B 31 -9.42 14.45 0.29
CA VAL B 31 -9.51 15.71 -0.42
C VAL B 31 -10.97 16.17 -0.45
N LYS B 32 -11.89 15.24 -0.72
CA LYS B 32 -13.30 15.56 -0.78
C LYS B 32 -13.81 15.91 0.61
N ARG B 33 -13.28 15.23 1.63
CA ARG B 33 -13.68 15.47 3.00
C ARG B 33 -13.63 16.96 3.30
N ALA B 34 -12.74 17.68 2.62
CA ALA B 34 -12.61 19.12 2.81
C ALA B 34 -13.78 19.83 2.15
N ASN B 35 -14.16 19.38 0.95
CA ASN B 35 -15.25 19.99 0.23
C ASN B 35 -16.56 19.75 0.96
N GLY B 36 -16.64 18.62 1.67
CA GLY B 36 -17.84 18.27 2.42
C GLY B 36 -18.30 16.87 2.06
N GLY B 37 -17.37 16.03 1.58
CA GLY B 37 -17.69 14.68 1.19
C GLY B 37 -17.18 13.70 2.25
N GLU A 1 18.33 -18.08 -10.98
CA GLU A 1 18.71 -17.46 -9.73
C GLU A 1 17.55 -17.49 -8.75
N LYS A 2 17.58 -18.47 -7.83
CA LYS A 2 16.53 -18.61 -6.84
C LYS A 2 16.57 -17.44 -5.86
N THR A 3 17.73 -16.81 -5.74
CA THR A 3 17.89 -15.68 -4.85
C THR A 3 16.78 -14.66 -5.08
N ASN A 4 16.56 -14.31 -6.35
CA ASN A 4 15.52 -13.35 -6.70
C ASN A 4 14.24 -13.68 -5.96
N LEU A 5 13.73 -14.90 -6.16
CA LEU A 5 12.50 -15.33 -5.52
C LEU A 5 12.58 -15.03 -4.03
N GLU A 6 13.64 -15.51 -3.37
CA GLU A 6 13.81 -15.28 -1.96
C GLU A 6 13.50 -13.83 -1.61
N ILE A 7 13.95 -12.91 -2.47
CA ILE A 7 13.73 -11.50 -2.27
C ILE A 7 12.28 -11.15 -2.58
N ILE A 8 11.75 -11.75 -3.66
CA ILE A 8 10.38 -11.51 -4.06
C ILE A 8 9.44 -11.72 -2.89
N ILE A 9 9.73 -12.75 -2.08
CA ILE A 9 8.92 -13.06 -0.92
C ILE A 9 9.14 -12.03 0.17
N LEU A 10 10.40 -11.87 0.59
CA LEU A 10 10.75 -10.92 1.63
C LEU A 10 10.13 -9.56 1.31
N VAL A 11 10.13 -9.19 0.03
CA VAL A 11 9.56 -7.93 -0.40
C VAL A 11 8.07 -7.92 -0.15
N GLU A 12 7.39 -9.00 -0.53
CA GLU A 12 5.96 -9.12 -0.34
C GLU A 12 5.60 -8.77 1.10
N THR A 13 6.30 -9.38 2.05
CA THR A 13 6.05 -9.14 3.46
C THR A 13 6.17 -7.65 3.75
N ALA A 14 7.36 -7.10 3.52
CA ALA A 14 7.60 -5.68 3.77
C ALA A 14 6.52 -4.85 3.10
N VAL A 15 6.08 -5.28 1.91
CA VAL A 15 5.06 -4.58 1.17
C VAL A 15 3.82 -4.41 2.05
N ILE A 16 3.16 -5.52 2.37
CA ILE A 16 1.98 -5.50 3.21
C ILE A 16 2.17 -4.52 4.36
N ALA A 17 3.38 -4.51 4.94
CA ALA A 17 3.69 -3.63 6.04
C ALA A 17 3.47 -2.18 5.62
N MET A 18 3.88 -1.84 4.40
CA MET A 18 3.73 -0.50 3.88
C MET A 18 2.25 -0.17 3.72
N GLU A 19 1.54 -1.00 2.96
CA GLU A 19 0.12 -0.79 2.72
C GLU A 19 -0.55 -0.32 4.00
N PHE A 20 -0.27 -1.00 5.11
CA PHE A 20 -0.85 -0.64 6.40
C PHE A 20 -0.31 0.71 6.84
N TRP A 21 0.97 0.97 6.56
CA TRP A 21 1.60 2.22 6.94
C TRP A 21 0.95 3.37 6.17
N LEU A 22 0.66 3.14 4.89
CA LEU A 22 0.05 4.16 4.05
C LEU A 22 -1.31 4.55 4.63
N LEU A 23 -2.22 3.59 4.72
CA LEU A 23 -3.55 3.84 5.25
C LEU A 23 -3.45 4.43 6.65
N LEU A 24 -2.69 3.76 7.53
CA LEU A 24 -2.51 4.23 8.89
C LEU A 24 -1.99 5.66 8.88
N VAL A 25 -0.95 5.90 8.08
CA VAL A 25 -0.37 7.23 7.99
C VAL A 25 -1.42 8.23 7.53
N ILE A 26 -1.88 8.08 6.29
CA ILE A 26 -2.89 8.96 5.73
C ILE A 26 -4.08 9.02 6.67
N ILE A 27 -4.25 8.01 7.51
CA ILE A 27 -5.35 7.96 8.46
C ILE A 27 -5.06 8.87 9.64
N LEU A 28 -3.83 8.80 10.16
CA LEU A 28 -3.43 9.62 11.29
C LEU A 28 -3.27 11.06 10.85
N ARG A 29 -2.50 11.29 9.78
CA ARG A 29 -2.27 12.62 9.26
C ARG A 29 -3.60 13.28 8.94
N THR A 30 -4.47 12.57 8.24
CA THR A 30 -5.77 13.09 7.87
C THR A 30 -6.58 13.38 9.12
N VAL A 31 -6.73 12.37 9.98
CA VAL A 31 -7.49 12.53 11.22
C VAL A 31 -7.11 13.84 11.89
N LYS A 32 -5.82 14.15 11.92
CA LYS A 32 -5.33 15.38 12.52
C LYS A 32 -5.76 16.58 11.69
N ARG A 33 -5.79 16.40 10.37
CA ARG A 33 -6.18 17.46 9.46
C ARG A 33 -7.49 18.08 9.91
N ALA A 34 -8.34 17.26 10.54
CA ALA A 34 -9.63 17.72 11.02
C ALA A 34 -9.43 18.61 12.25
N ASN A 35 -8.39 18.32 13.04
CA ASN A 35 -8.11 19.09 14.23
C ASN A 35 -7.42 20.40 13.85
N GLY A 36 -6.73 20.40 12.70
CA GLY A 36 -6.03 21.57 12.24
C GLY A 36 -7.00 22.75 12.11
N GLY A 37 -8.30 22.45 12.14
CA GLY A 37 -9.31 23.49 12.03
C GLY A 37 -9.87 23.52 10.62
N GLU B 1 8.19 -26.29 -5.31
CA GLU B 1 7.10 -25.75 -6.11
C GLU B 1 7.46 -24.34 -6.58
N LYS B 2 7.92 -24.23 -7.83
CA LYS B 2 8.28 -22.94 -8.39
C LYS B 2 7.04 -22.09 -8.61
N THR B 3 5.89 -22.76 -8.74
CA THR B 3 4.64 -22.06 -8.94
C THR B 3 4.48 -20.94 -7.91
N ASN B 4 4.69 -21.28 -6.64
CA ASN B 4 4.58 -20.32 -5.55
C ASN B 4 5.29 -19.03 -5.94
N LEU B 5 6.59 -19.14 -6.23
CA LEU B 5 7.38 -17.98 -6.60
C LEU B 5 6.66 -17.19 -7.69
N GLU B 6 6.30 -17.87 -8.77
CA GLU B 6 5.60 -17.21 -9.87
C GLU B 6 4.50 -16.31 -9.33
N ILE B 7 3.79 -16.79 -8.30
CA ILE B 7 2.72 -16.03 -7.69
C ILE B 7 3.29 -14.92 -6.83
N ILE B 8 4.37 -15.23 -6.10
CA ILE B 8 5.02 -14.26 -5.24
C ILE B 8 5.34 -13.00 -6.03
N ILE B 9 5.76 -13.17 -7.28
CA ILE B 9 6.09 -12.05 -8.14
C ILE B 9 4.82 -11.34 -8.57
N LEU B 10 3.91 -12.07 -9.21
CA LEU B 10 2.66 -11.51 -9.68
C LEU B 10 2.00 -10.72 -8.56
N VAL B 11 2.08 -11.24 -7.33
CA VAL B 11 1.49 -10.57 -6.19
C VAL B 11 2.21 -9.24 -5.94
N GLU B 12 3.54 -9.27 -5.97
CA GLU B 12 4.32 -8.07 -5.76
C GLU B 12 3.81 -6.94 -6.65
N THR B 13 3.65 -7.23 -7.94
CA THR B 13 3.16 -6.25 -8.89
C THR B 13 1.83 -5.69 -8.42
N ALA B 14 0.82 -6.57 -8.30
CA ALA B 14 -0.49 -6.16 -7.87
C ALA B 14 -0.38 -5.35 -6.58
N VAL B 15 0.54 -5.74 -5.70
CA VAL B 15 0.74 -5.05 -4.45
C VAL B 15 1.00 -3.58 -4.70
N ILE B 16 2.12 -3.26 -5.34
CA ILE B 16 2.48 -1.89 -5.64
C ILE B 16 1.27 -1.14 -6.15
N ALA B 17 0.45 -1.81 -6.98
CA ALA B 17 -0.74 -1.20 -7.52
C ALA B 17 -1.66 -0.75 -6.39
N MET B 18 -1.77 -1.57 -5.35
CA MET B 18 -2.62 -1.25 -4.22
C MET B 18 -2.05 -0.05 -3.48
N GLU B 19 -0.79 -0.14 -3.06
CA GLU B 19 -0.14 0.93 -2.35
C GLU B 19 -0.54 2.28 -2.95
N PHE B 20 -0.48 2.38 -4.28
CA PHE B 20 -0.84 3.60 -4.97
C PHE B 20 -2.34 3.85 -4.82
N TRP B 21 -3.13 2.77 -4.84
CA TRP B 21 -4.57 2.89 -4.72
C TRP B 21 -4.92 3.41 -3.33
N LEU B 22 -4.20 2.93 -2.31
CA LEU B 22 -4.44 3.34 -0.94
C LEU B 22 -4.21 4.85 -0.81
N LEU B 23 -2.99 5.30 -1.09
CA LEU B 23 -2.65 6.70 -1.00
C LEU B 23 -3.60 7.52 -1.87
N LEU B 24 -3.72 7.14 -3.14
CA LEU B 24 -4.59 7.83 -4.07
C LEU B 24 -6.00 7.89 -3.52
N VAL B 25 -6.51 6.75 -3.04
CA VAL B 25 -7.84 6.68 -2.48
C VAL B 25 -7.95 7.63 -1.30
N ILE B 26 -7.21 7.33 -0.22
CA ILE B 26 -7.22 8.15 0.97
C ILE B 26 -6.93 9.60 0.60
N ILE B 27 -6.29 9.80 -0.56
CA ILE B 27 -5.95 11.13 -1.01
C ILE B 27 -7.17 11.80 -1.61
N LEU B 28 -7.92 11.06 -2.44
CA LEU B 28 -9.12 11.58 -3.06
C LEU B 28 -10.22 11.73 -2.02
N ARG B 29 -10.49 10.65 -1.28
CA ARG B 29 -11.52 10.67 -0.26
C ARG B 29 -11.25 11.79 0.73
N THR B 30 -10.01 11.88 1.21
CA THR B 30 -9.63 12.92 2.16
C THR B 30 -9.81 14.30 1.52
N VAL B 31 -9.19 14.50 0.36
CA VAL B 31 -9.28 15.77 -0.34
C VAL B 31 -10.73 16.25 -0.33
N LYS B 32 -11.67 15.34 -0.59
CA LYS B 32 -13.07 15.67 -0.61
C LYS B 32 -13.56 16.00 0.79
N ARG B 33 -13.00 15.30 1.79
CA ARG B 33 -13.37 15.52 3.17
C ARG B 33 -13.31 17.01 3.49
N ALA B 34 -12.40 17.72 2.82
CA ALA B 34 -12.24 19.14 3.04
C ALA B 34 -13.41 19.90 2.44
N ASN B 35 -13.97 19.37 1.35
CA ASN B 35 -15.09 19.99 0.67
C ASN B 35 -16.38 19.70 1.44
N GLY B 36 -16.39 18.58 2.17
CA GLY B 36 -17.56 18.19 2.93
C GLY B 36 -17.95 19.30 3.90
N GLY B 37 -17.04 20.26 4.11
CA GLY B 37 -17.30 21.36 5.01
C GLY B 37 -16.60 21.13 6.34
N GLU A 1 17.74 -18.00 -11.60
CA GLU A 1 18.22 -17.40 -10.37
C GLU A 1 17.13 -17.43 -9.32
N LYS A 2 17.26 -18.32 -8.34
CA LYS A 2 16.28 -18.45 -7.28
C LYS A 2 16.36 -17.23 -6.36
N THR A 3 17.51 -16.56 -6.35
CA THR A 3 17.71 -15.39 -5.53
C THR A 3 16.55 -14.42 -5.71
N ASN A 4 16.25 -14.09 -6.97
CA ASN A 4 15.17 -13.18 -7.29
C ASN A 4 13.94 -13.52 -6.45
N LEU A 5 13.49 -14.77 -6.55
CA LEU A 5 12.33 -15.23 -5.81
C LEU A 5 12.49 -14.88 -4.33
N GLU A 6 13.60 -15.32 -3.74
CA GLU A 6 13.88 -15.05 -2.34
C GLU A 6 13.56 -13.59 -2.02
N ILE A 7 13.90 -12.69 -2.94
CA ILE A 7 13.65 -11.27 -2.76
C ILE A 7 12.18 -10.97 -3.02
N ILE A 8 11.60 -11.67 -4.01
CA ILE A 8 10.20 -11.47 -4.36
C ILE A 8 9.33 -11.72 -3.15
N ILE A 9 9.67 -12.73 -2.36
CA ILE A 9 8.92 -13.07 -1.17
C ILE A 9 9.18 -12.03 -0.08
N LEU A 10 10.44 -11.85 0.29
CA LEU A 10 10.81 -10.90 1.32
C LEU A 10 10.18 -9.55 1.01
N VAL A 11 10.17 -9.17 -0.26
CA VAL A 11 9.59 -7.90 -0.68
C VAL A 11 8.09 -7.90 -0.39
N GLU A 12 7.41 -8.99 -0.74
CA GLU A 12 5.98 -9.09 -0.51
C GLU A 12 5.66 -8.75 0.94
N THR A 13 6.37 -9.38 1.87
CA THR A 13 6.17 -9.14 3.28
C THR A 13 6.29 -7.65 3.58
N ALA A 14 7.46 -7.08 3.29
CA ALA A 14 7.70 -5.67 3.52
C ALA A 14 6.60 -4.84 2.90
N VAL A 15 6.12 -5.27 1.72
CA VAL A 15 5.06 -4.57 1.03
C VAL A 15 3.85 -4.43 1.93
N ILE A 16 3.23 -5.57 2.27
CA ILE A 16 2.05 -5.56 3.13
C ILE A 16 2.26 -4.58 4.27
N ALA A 17 3.47 -4.54 4.82
CA ALA A 17 3.80 -3.65 5.91
C ALA A 17 3.56 -2.21 5.49
N MET A 18 3.95 -1.88 4.25
CA MET A 18 3.77 -0.53 3.73
C MET A 18 2.29 -0.22 3.58
N GLU A 19 1.58 -1.08 2.83
CA GLU A 19 0.16 -0.89 2.61
C GLU A 19 -0.51 -0.40 3.90
N PHE A 20 -0.22 -1.06 5.01
CA PHE A 20 -0.78 -0.70 6.29
C PHE A 20 -0.22 0.64 6.74
N TRP A 21 1.04 0.90 6.42
CA TRP A 21 1.69 2.14 6.79
C TRP A 21 1.06 3.30 6.03
N LEU A 22 0.73 3.07 4.75
CA LEU A 22 0.11 4.09 3.93
C LEU A 22 -1.24 4.49 4.51
N LEU A 23 -2.17 3.53 4.60
CA LEU A 23 -3.48 3.78 5.14
C LEU A 23 -3.36 4.38 6.54
N LEU A 24 -2.59 3.73 7.41
CA LEU A 24 -2.40 4.19 8.76
C LEU A 24 -1.85 5.61 8.75
N VAL A 25 -0.82 5.84 7.93
CA VAL A 25 -0.21 7.16 7.82
C VAL A 25 -1.26 8.18 7.37
N ILE A 26 -1.74 8.02 6.14
CA ILE A 26 -2.73 8.92 5.59
C ILE A 26 -3.92 9.01 6.53
N ILE A 27 -4.08 8.01 7.40
CA ILE A 27 -5.18 7.97 8.35
C ILE A 27 -4.85 8.89 9.52
N LEU A 28 -3.63 8.79 10.04
CA LEU A 28 -3.19 9.61 11.16
C LEU A 28 -3.02 11.06 10.71
N ARG A 29 -2.27 11.25 9.63
CA ARG A 29 -2.02 12.58 9.10
C ARG A 29 -3.35 13.26 8.78
N THR A 30 -4.24 12.55 8.09
CA THR A 30 -5.53 13.10 7.73
C THR A 30 -6.33 13.41 8.98
N VAL A 31 -6.48 12.40 9.85
CA VAL A 31 -7.22 12.57 11.09
C VAL A 31 -6.83 13.87 11.75
N LYS A 32 -5.52 14.17 11.77
CA LYS A 32 -5.03 15.39 12.38
C LYS A 32 -5.46 16.59 11.57
N ARG A 33 -5.49 16.43 10.23
CA ARG A 33 -5.89 17.50 9.34
C ARG A 33 -7.19 18.12 9.83
N ALA A 34 -8.02 17.32 10.49
CA ALA A 34 -9.30 17.79 11.00
C ALA A 34 -9.07 18.65 12.23
N ASN A 35 -8.15 18.22 13.10
CA ASN A 35 -7.85 18.96 14.31
C ASN A 35 -7.22 20.29 13.96
N GLY A 36 -6.64 20.38 12.75
CA GLY A 36 -6.00 21.61 12.31
C GLY A 36 -7.01 22.75 12.32
N GLY A 37 -8.23 22.48 12.78
CA GLY A 37 -9.26 23.49 12.84
C GLY A 37 -10.37 23.19 11.84
N GLU B 1 8.23 -26.13 -4.71
CA GLU B 1 7.18 -25.71 -5.61
C GLU B 1 7.49 -24.33 -6.17
N LYS B 2 7.90 -24.27 -7.43
CA LYS B 2 8.22 -23.01 -8.08
C LYS B 2 6.96 -22.20 -8.28
N THR B 3 5.81 -22.88 -8.35
CA THR B 3 4.54 -22.21 -8.54
C THR B 3 4.40 -21.07 -7.54
N ASN B 4 4.62 -21.37 -6.26
CA ASN B 4 4.51 -20.37 -5.21
C ASN B 4 5.20 -19.08 -5.66
N LEU B 5 6.49 -19.18 -6.02
CA LEU B 5 7.25 -18.03 -6.47
C LEU B 5 6.49 -17.30 -7.56
N GLU B 6 6.12 -18.01 -8.62
CA GLU B 6 5.39 -17.43 -9.72
C GLU B 6 4.28 -16.52 -9.19
N ILE B 7 3.60 -16.96 -8.13
CA ILE B 7 2.53 -16.19 -7.54
C ILE B 7 3.13 -15.05 -6.71
N ILE B 8 4.22 -15.33 -6.00
CA ILE B 8 4.87 -14.33 -5.18
C ILE B 8 5.19 -13.10 -6.02
N ILE B 9 5.59 -13.32 -7.27
CA ILE B 9 5.91 -12.23 -8.17
C ILE B 9 4.64 -11.52 -8.62
N LEU B 10 3.72 -12.28 -9.22
CA LEU B 10 2.47 -11.72 -9.69
C LEU B 10 1.83 -10.88 -8.59
N VAL B 11 1.88 -11.39 -7.35
CA VAL B 11 1.32 -10.69 -6.21
C VAL B 11 2.05 -9.38 -6.00
N GLU B 12 3.38 -9.43 -6.07
CA GLU B 12 4.20 -8.23 -5.89
C GLU B 12 3.68 -7.11 -6.77
N THR B 13 3.51 -7.40 -8.06
CA THR B 13 3.03 -6.42 -9.01
C THR B 13 1.70 -5.84 -8.53
N ALA B 14 0.71 -6.71 -8.37
CA ALA B 14 -0.61 -6.29 -7.91
C ALA B 14 -0.48 -5.44 -6.66
N VAL B 15 0.46 -5.81 -5.78
CA VAL B 15 0.68 -5.08 -4.55
C VAL B 15 0.96 -3.62 -4.86
N ILE B 16 2.08 -3.35 -5.53
CA ILE B 16 2.46 -2.00 -5.88
C ILE B 16 1.24 -1.24 -6.38
N ALA B 17 0.39 -1.91 -7.16
CA ALA B 17 -0.81 -1.29 -7.69
C ALA B 17 -1.69 -0.81 -6.54
N MET B 18 -1.79 -1.62 -5.49
CA MET B 18 -2.61 -1.28 -4.35
C MET B 18 -2.00 -0.08 -3.62
N GLU B 19 -0.73 -0.19 -3.24
CA GLU B 19 -0.05 0.89 -2.55
C GLU B 19 -0.45 2.23 -3.15
N PHE B 20 -0.41 2.32 -4.48
CA PHE B 20 -0.77 3.55 -5.17
C PHE B 20 -2.26 3.80 -5.03
N TRP B 21 -3.05 2.73 -5.00
CA TRP B 21 -4.49 2.84 -4.87
C TRP B 21 -4.84 3.37 -3.48
N LEU B 22 -4.10 2.92 -2.47
CA LEU B 22 -4.33 3.34 -1.10
C LEU B 22 -4.10 4.84 -0.98
N LEU B 23 -2.86 5.28 -1.27
CA LEU B 23 -2.52 6.68 -1.20
C LEU B 23 -3.47 7.49 -2.06
N LEU B 24 -3.62 7.09 -3.33
CA LEU B 24 -4.50 7.79 -4.24
C LEU B 24 -5.90 7.84 -3.68
N VAL B 25 -6.39 6.70 -3.19
CA VAL B 25 -7.73 6.63 -2.62
C VAL B 25 -7.84 7.58 -1.44
N ILE B 26 -7.10 7.30 -0.38
CA ILE B 26 -7.11 8.13 0.81
C ILE B 26 -6.82 9.58 0.43
N ILE B 27 -6.20 9.77 -0.73
CA ILE B 27 -5.88 11.11 -1.20
C ILE B 27 -7.11 11.76 -1.80
N LEU B 28 -7.86 11.00 -2.63
CA LEU B 28 -9.05 11.52 -3.25
C LEU B 28 -10.16 11.66 -2.22
N ARG B 29 -10.40 10.59 -1.44
CA ARG B 29 -11.42 10.61 -0.42
C ARG B 29 -11.15 11.74 0.56
N THR B 30 -9.91 11.84 1.04
CA THR B 30 -9.54 12.88 1.98
C THR B 30 -9.72 14.26 1.33
N VAL B 31 -9.11 14.45 0.17
CA VAL B 31 -9.21 15.72 -0.54
C VAL B 31 -10.65 16.19 -0.54
N LYS B 32 -11.60 15.28 -0.78
CA LYS B 32 -13.00 15.62 -0.81
C LYS B 32 -13.47 15.98 0.59
N ARG B 33 -12.93 15.28 1.60
CA ARG B 33 -13.30 15.53 2.98
C ARG B 33 -13.22 17.02 3.27
N ALA B 34 -12.34 17.73 2.57
CA ALA B 34 -12.18 19.16 2.75
C ALA B 34 -13.35 19.90 2.12
N ASN B 35 -13.77 19.45 0.93
CA ASN B 35 -14.87 20.07 0.23
C ASN B 35 -16.16 19.87 1.01
N GLY B 36 -16.18 18.85 1.88
CA GLY B 36 -17.35 18.56 2.68
C GLY B 36 -17.73 19.77 3.53
N GLY B 37 -16.99 20.87 3.35
CA GLY B 37 -17.25 22.08 4.10
C GLY B 37 -16.11 22.36 5.07
N GLU A 1 18.06 -18.74 -10.99
CA GLU A 1 18.48 -17.89 -9.90
C GLU A 1 17.35 -17.71 -8.90
N LYS A 2 17.45 -18.41 -7.75
CA LYS A 2 16.45 -18.33 -6.72
C LYS A 2 16.48 -16.97 -6.05
N THR A 3 17.63 -16.29 -6.16
CA THR A 3 17.79 -14.97 -5.56
C THR A 3 16.60 -14.10 -5.92
N ASN A 4 16.26 -14.02 -7.21
CA ASN A 4 15.15 -13.22 -7.67
C ASN A 4 13.94 -13.45 -6.77
N LEU A 5 13.54 -14.72 -6.63
CA LEU A 5 12.40 -15.07 -5.80
C LEU A 5 12.63 -14.59 -4.38
N GLU A 6 13.79 -14.93 -3.81
CA GLU A 6 14.12 -14.53 -2.47
C GLU A 6 13.76 -13.07 -2.24
N ILE A 7 13.90 -12.25 -3.29
CA ILE A 7 13.59 -10.84 -3.21
C ILE A 7 12.09 -10.64 -3.40
N ILE A 8 11.48 -11.44 -4.28
CA ILE A 8 10.07 -11.34 -4.55
C ILE A 8 9.29 -11.58 -3.26
N ILE A 9 9.75 -12.53 -2.44
CA ILE A 9 9.10 -12.86 -1.19
C ILE A 9 9.38 -11.77 -0.17
N LEU A 10 10.66 -11.50 0.09
CA LEU A 10 11.06 -10.49 1.04
C LEU A 10 10.32 -9.19 0.75
N VAL A 11 10.26 -8.82 -0.53
CA VAL A 11 9.59 -7.59 -0.94
C VAL A 11 8.11 -7.67 -0.53
N GLU A 12 7.46 -8.78 -0.85
CA GLU A 12 6.07 -8.96 -0.52
C GLU A 12 5.82 -8.60 0.94
N THR A 13 6.67 -9.12 1.83
CA THR A 13 6.54 -8.84 3.24
C THR A 13 6.57 -7.34 3.49
N ALA A 14 7.68 -6.71 3.12
CA ALA A 14 7.85 -5.27 3.29
C ALA A 14 6.69 -4.54 2.63
N VAL A 15 6.13 -5.14 1.58
CA VAL A 15 5.02 -4.54 0.85
C VAL A 15 3.81 -4.44 1.76
N ILE A 16 3.27 -5.59 2.17
CA ILE A 16 2.11 -5.63 3.05
C ILE A 16 2.27 -4.59 4.15
N ALA A 17 3.48 -4.50 4.71
CA ALA A 17 3.74 -3.55 5.78
C ALA A 17 3.57 -2.13 5.27
N MET A 18 3.92 -1.90 3.99
CA MET A 18 3.79 -0.59 3.39
C MET A 18 2.32 -0.21 3.27
N GLU A 19 1.56 -1.02 2.53
CA GLU A 19 0.14 -0.77 2.34
C GLU A 19 -0.48 -0.32 3.65
N PHE A 20 -0.20 -1.05 4.73
CA PHE A 20 -0.73 -0.72 6.03
C PHE A 20 -0.16 0.60 6.51
N TRP A 21 1.08 0.89 6.12
CA TRP A 21 1.74 2.12 6.51
C TRP A 21 1.10 3.29 5.80
N LEU A 22 0.78 3.12 4.51
CA LEU A 22 0.16 4.17 3.72
C LEU A 22 -1.18 4.55 4.33
N LEU A 23 -2.10 3.59 4.42
CA LEU A 23 -3.41 3.84 4.98
C LEU A 23 -3.27 4.44 6.37
N LEU A 24 -2.49 3.79 7.25
CA LEU A 24 -2.28 4.28 8.59
C LEU A 24 -1.71 5.67 8.55
N VAL A 25 -0.75 5.92 7.65
CA VAL A 25 -0.13 7.21 7.50
C VAL A 25 -1.17 8.24 7.09
N ILE A 26 -1.70 8.09 5.87
CA ILE A 26 -2.70 9.01 5.35
C ILE A 26 -3.86 9.11 6.33
N ILE A 27 -3.99 8.11 7.20
CA ILE A 27 -5.06 8.09 8.19
C ILE A 27 -4.68 8.98 9.37
N LEU A 28 -3.45 8.85 9.84
CA LEU A 28 -2.97 9.64 10.96
C LEU A 28 -2.81 11.10 10.54
N ARG A 29 -2.13 11.32 9.41
CA ARG A 29 -1.92 12.66 8.91
C ARG A 29 -3.26 13.34 8.65
N THR A 30 -4.14 12.65 7.92
CA THR A 30 -5.45 13.19 7.61
C THR A 30 -6.24 13.41 8.89
N VAL A 31 -6.34 12.36 9.72
CA VAL A 31 -7.06 12.44 10.97
C VAL A 31 -6.71 13.74 11.69
N LYS A 32 -5.45 14.16 11.58
CA LYS A 32 -4.99 15.38 12.22
C LYS A 32 -5.41 16.58 11.39
N ARG A 33 -5.40 16.42 10.06
CA ARG A 33 -5.78 17.50 9.16
C ARG A 33 -7.14 18.05 9.56
N ALA A 34 -8.04 17.18 10.03
CA ALA A 34 -9.36 17.57 10.44
C ALA A 34 -9.27 18.43 11.70
N ASN A 35 -8.27 18.17 12.53
CA ASN A 35 -8.08 18.91 13.76
C ASN A 35 -7.52 20.30 13.44
N GLY A 36 -7.61 20.70 12.18
CA GLY A 36 -7.12 22.00 11.75
C GLY A 36 -7.66 23.08 12.67
N GLY A 37 -8.62 22.72 13.52
CA GLY A 37 -9.23 23.68 14.43
C GLY A 37 -10.71 23.40 14.57
N GLU B 1 8.38 -26.37 -6.01
CA GLU B 1 7.19 -25.87 -6.63
C GLU B 1 7.37 -24.41 -7.02
N LYS B 2 7.57 -24.16 -8.31
CA LYS B 2 7.77 -22.81 -8.82
C LYS B 2 6.46 -22.03 -8.74
N THR B 3 5.34 -22.76 -8.68
CA THR B 3 4.03 -22.14 -8.61
C THR B 3 4.03 -21.07 -7.52
N ASN B 4 4.49 -21.44 -6.33
CA ASN B 4 4.54 -20.52 -5.20
C ASN B 4 5.11 -19.19 -5.66
N LEU B 5 6.32 -19.22 -6.23
CA LEU B 5 6.97 -18.01 -6.70
C LEU B 5 6.08 -17.30 -7.70
N GLU B 6 5.61 -18.04 -8.71
CA GLU B 6 4.74 -17.48 -9.73
C GLU B 6 3.69 -16.59 -9.08
N ILE B 7 3.22 -16.98 -7.90
CA ILE B 7 2.22 -16.22 -7.18
C ILE B 7 2.88 -15.07 -6.43
N ILE B 8 4.04 -15.34 -5.83
CA ILE B 8 4.77 -14.32 -5.09
C ILE B 8 5.03 -13.13 -5.99
N ILE B 9 5.33 -13.39 -7.26
CA ILE B 9 5.61 -12.33 -8.22
C ILE B 9 4.30 -11.64 -8.61
N LEU B 10 3.35 -12.41 -9.12
CA LEU B 10 2.06 -11.87 -9.53
C LEU B 10 1.51 -10.98 -8.43
N VAL B 11 1.57 -11.45 -7.19
CA VAL B 11 1.07 -10.70 -6.06
C VAL B 11 1.82 -9.39 -5.94
N GLU B 12 3.17 -9.45 -6.02
CA GLU B 12 3.99 -8.26 -5.93
C GLU B 12 3.44 -7.18 -6.85
N THR B 13 3.13 -7.55 -8.09
CA THR B 13 2.60 -6.62 -9.06
C THR B 13 1.32 -5.99 -8.53
N ALA B 14 0.32 -6.83 -8.26
CA ALA B 14 -0.96 -6.34 -7.75
C ALA B 14 -0.73 -5.50 -6.51
N VAL B 15 0.34 -5.81 -5.76
CA VAL B 15 0.66 -5.09 -4.54
C VAL B 15 0.97 -3.64 -4.88
N ILE B 16 2.05 -3.42 -5.62
CA ILE B 16 2.47 -2.08 -6.01
C ILE B 16 1.25 -1.28 -6.45
N ALA B 17 0.36 -1.92 -7.23
CA ALA B 17 -0.84 -1.27 -7.71
C ALA B 17 -1.72 -0.86 -6.54
N MET B 18 -1.73 -1.69 -5.48
CA MET B 18 -2.53 -1.42 -4.31
C MET B 18 -1.99 -0.19 -3.59
N GLU B 19 -0.74 -0.25 -3.15
CA GLU B 19 -0.12 0.86 -2.46
C GLU B 19 -0.50 2.18 -3.12
N PHE B 20 -0.39 2.22 -4.45
CA PHE B 20 -0.74 3.42 -5.20
C PHE B 20 -2.23 3.68 -5.09
N TRP B 21 -3.02 2.61 -5.00
CA TRP B 21 -4.46 2.73 -4.90
C TRP B 21 -4.84 3.30 -3.53
N LEU B 22 -4.15 2.83 -2.49
CA LEU B 22 -4.41 3.30 -1.13
C LEU B 22 -4.17 4.80 -1.05
N LEU B 23 -2.95 5.22 -1.33
CA LEU B 23 -2.59 6.63 -1.29
C LEU B 23 -3.55 7.44 -2.15
N LEU B 24 -3.69 7.03 -3.41
CA LEU B 24 -4.59 7.71 -4.33
C LEU B 24 -6.00 7.74 -3.76
N VAL B 25 -6.43 6.62 -3.19
CA VAL B 25 -7.75 6.53 -2.61
C VAL B 25 -7.88 7.50 -1.44
N ILE B 26 -7.13 7.26 -0.38
CA ILE B 26 -7.15 8.11 0.80
C ILE B 26 -6.89 9.55 0.39
N ILE B 27 -6.28 9.73 -0.78
CA ILE B 27 -5.97 11.05 -1.28
C ILE B 27 -7.21 11.67 -1.90
N LEU B 28 -7.92 10.89 -2.72
CA LEU B 28 -9.13 11.37 -3.37
C LEU B 28 -10.23 11.56 -2.35
N ARG B 29 -10.45 10.54 -1.52
CA ARG B 29 -11.48 10.59 -0.49
C ARG B 29 -11.21 11.75 0.45
N THR B 30 -9.98 11.85 0.95
CA THR B 30 -9.60 12.91 1.85
C THR B 30 -9.71 14.25 1.15
N VAL B 31 -9.07 14.38 -0.02
CA VAL B 31 -9.10 15.60 -0.79
C VAL B 31 -10.52 16.15 -0.82
N LYS B 32 -11.51 15.25 -0.90
CA LYS B 32 -12.90 15.64 -0.94
C LYS B 32 -13.38 15.99 0.47
N ARG B 33 -12.88 15.27 1.46
CA ARG B 33 -13.26 15.50 2.84
C ARG B 33 -13.07 16.97 3.19
N ALA B 34 -12.02 17.58 2.64
CA ALA B 34 -11.73 18.99 2.90
C ALA B 34 -12.82 19.85 2.28
N ASN B 35 -13.40 19.39 1.16
CA ASN B 35 -14.44 20.12 0.48
C ASN B 35 -15.74 20.03 1.26
N GLY B 36 -15.65 19.61 2.53
CA GLY B 36 -16.82 19.48 3.37
C GLY B 36 -17.65 20.75 3.33
N GLY B 37 -17.10 21.80 2.74
CA GLY B 37 -17.78 23.07 2.64
C GLY B 37 -16.80 24.22 2.81
N GLU A 1 18.06 -18.26 -10.70
CA GLU A 1 18.47 -17.47 -9.55
C GLU A 1 17.31 -17.37 -8.56
N LYS A 2 17.41 -18.11 -7.46
CA LYS A 2 16.39 -18.11 -6.44
C LYS A 2 16.41 -16.78 -5.68
N THR A 3 17.55 -16.09 -5.74
CA THR A 3 17.70 -14.82 -5.06
C THR A 3 16.49 -13.93 -5.36
N ASN A 4 16.21 -13.73 -6.65
CA ASN A 4 15.08 -12.92 -7.06
C ASN A 4 13.86 -13.22 -6.21
N LEU A 5 13.45 -14.49 -6.19
CA LEU A 5 12.30 -14.91 -5.41
C LEU A 5 12.48 -14.49 -3.96
N GLU A 6 13.63 -14.86 -3.37
CA GLU A 6 13.91 -14.52 -1.99
C GLU A 6 13.54 -13.07 -1.72
N ILE A 7 13.73 -12.21 -2.72
CA ILE A 7 13.41 -10.80 -2.58
C ILE A 7 11.93 -10.59 -2.83
N ILE A 8 11.36 -11.36 -3.76
CA ILE A 8 9.95 -11.25 -4.09
C ILE A 8 9.11 -11.54 -2.85
N ILE A 9 9.56 -12.51 -2.05
CA ILE A 9 8.86 -12.89 -0.84
C ILE A 9 9.08 -11.83 0.24
N LEU A 10 10.35 -11.57 0.57
CA LEU A 10 10.69 -10.59 1.56
C LEU A 10 9.97 -9.28 1.28
N VAL A 11 9.96 -8.87 0.02
CA VAL A 11 9.31 -7.63 -0.39
C VAL A 11 7.82 -7.72 -0.08
N GLU A 12 7.19 -8.84 -0.45
CA GLU A 12 5.78 -9.04 -0.20
C GLU A 12 5.46 -8.72 1.25
N THR A 13 6.24 -9.27 2.18
CA THR A 13 6.03 -9.04 3.59
C THR A 13 6.06 -7.54 3.88
N ALA A 14 7.20 -6.90 3.60
CA ALA A 14 7.35 -5.49 3.83
C ALA A 14 6.24 -4.72 3.12
N VAL A 15 5.75 -5.28 2.01
CA VAL A 15 4.69 -4.65 1.25
C VAL A 15 3.42 -4.57 2.07
N ILE A 16 2.85 -5.73 2.41
CA ILE A 16 1.64 -5.79 3.20
C ILE A 16 1.73 -4.78 4.36
N ALA A 17 2.91 -4.72 5.00
CA ALA A 17 3.12 -3.82 6.11
C ALA A 17 2.97 -2.38 5.63
N MET A 18 3.40 -2.11 4.40
CA MET A 18 3.32 -0.77 3.84
C MET A 18 1.87 -0.39 3.64
N GLU A 19 1.14 -1.17 2.84
CA GLU A 19 -0.26 -0.90 2.58
C GLU A 19 -0.97 -0.49 3.86
N PHE A 20 -0.75 -1.25 4.94
CA PHE A 20 -1.36 -0.95 6.22
C PHE A 20 -0.78 0.34 6.78
N TRP A 21 0.49 0.62 6.44
CA TRP A 21 1.14 1.82 6.92
C TRP A 21 0.57 3.04 6.21
N LEU A 22 0.27 2.90 4.92
CA LEU A 22 -0.28 3.98 4.13
C LEU A 22 -1.66 4.36 4.67
N LEU A 23 -2.59 3.41 4.65
CA LEU A 23 -3.93 3.64 5.13
C LEU A 23 -3.89 4.21 6.53
N LEU A 24 -3.09 3.58 7.41
CA LEU A 24 -2.97 4.03 8.79
C LEU A 24 -2.33 5.41 8.81
N VAL A 25 -1.35 5.64 7.93
CA VAL A 25 -0.67 6.92 7.87
C VAL A 25 -1.63 7.99 7.41
N ILE A 26 -2.10 7.89 6.16
CA ILE A 26 -3.02 8.86 5.60
C ILE A 26 -4.22 9.02 6.54
N ILE A 27 -4.45 8.03 7.39
CA ILE A 27 -5.55 8.06 8.33
C ILE A 27 -5.18 8.93 9.53
N LEU A 28 -4.00 8.67 10.11
CA LEU A 28 -3.54 9.42 11.26
C LEU A 28 -3.26 10.86 10.85
N ARG A 29 -2.50 11.04 9.78
CA ARG A 29 -2.17 12.36 9.28
C ARG A 29 -3.44 13.14 8.98
N THR A 30 -4.31 12.55 8.15
CA THR A 30 -5.56 13.18 7.80
C THR A 30 -6.38 13.48 9.04
N VAL A 31 -6.53 12.47 9.90
CA VAL A 31 -7.29 12.61 11.12
C VAL A 31 -6.92 13.92 11.81
N LYS A 32 -5.62 14.23 11.83
CA LYS A 32 -5.15 15.46 12.45
C LYS A 32 -5.41 16.64 11.54
N ARG A 33 -5.34 16.41 10.22
CA ARG A 33 -5.57 17.45 9.24
C ARG A 33 -6.93 18.09 9.49
N ALA A 34 -7.88 17.31 10.02
CA ALA A 34 -9.20 17.81 10.29
C ALA A 34 -9.18 18.69 11.53
N ASN A 35 -8.61 18.17 12.63
CA ASN A 35 -8.52 18.91 13.86
C ASN A 35 -7.98 20.31 13.61
N GLY A 36 -6.70 20.38 13.19
CA GLY A 36 -6.07 21.65 12.91
C GLY A 36 -4.57 21.45 12.69
N GLY A 37 -4.21 20.90 11.52
CA GLY A 37 -2.82 20.66 11.21
C GLY A 37 -1.97 21.88 11.56
N GLU B 1 8.34 -26.24 -5.62
CA GLU B 1 7.17 -25.70 -6.31
C GLU B 1 7.41 -24.25 -6.71
N LYS B 2 7.68 -24.01 -7.98
CA LYS B 2 7.93 -22.67 -8.47
C LYS B 2 6.62 -21.89 -8.50
N THR B 3 5.49 -22.61 -8.53
CA THR B 3 4.20 -21.97 -8.56
C THR B 3 4.13 -20.87 -7.51
N ASN B 4 4.45 -21.23 -6.27
CA ASN B 4 4.42 -20.28 -5.17
C ASN B 4 5.06 -18.96 -5.61
N LEU B 5 6.32 -19.03 -6.05
CA LEU B 5 7.03 -17.85 -6.50
C LEU B 5 6.22 -17.12 -7.56
N GLU B 6 5.80 -17.84 -8.60
CA GLU B 6 5.02 -17.26 -9.67
C GLU B 6 3.93 -16.37 -9.08
N ILE B 7 3.34 -16.79 -7.96
CA ILE B 7 2.31 -16.03 -7.31
C ILE B 7 2.92 -14.90 -6.50
N ILE B 8 4.03 -15.19 -5.80
CA ILE B 8 4.70 -14.20 -5.00
C ILE B 8 5.03 -12.98 -5.85
N ILE B 9 5.40 -13.22 -7.11
CA ILE B 9 5.74 -12.14 -8.02
C ILE B 9 4.47 -11.43 -8.46
N LEU B 10 3.54 -12.17 -9.06
CA LEU B 10 2.29 -11.60 -9.52
C LEU B 10 1.68 -10.73 -8.43
N VAL B 11 1.67 -11.24 -7.20
CA VAL B 11 1.12 -10.50 -6.08
C VAL B 11 1.88 -9.21 -5.88
N GLU B 12 3.22 -9.29 -5.89
CA GLU B 12 4.05 -8.11 -5.71
C GLU B 12 3.57 -6.99 -6.63
N THR B 13 3.33 -7.33 -7.90
CA THR B 13 2.88 -6.35 -8.87
C THR B 13 1.58 -5.73 -8.40
N ALA B 14 0.55 -6.55 -8.22
CA ALA B 14 -0.75 -6.07 -7.77
C ALA B 14 -0.59 -5.28 -6.48
N VAL B 15 0.42 -5.63 -5.69
CA VAL B 15 0.68 -4.96 -4.43
C VAL B 15 1.04 -3.50 -4.70
N ILE B 16 2.17 -3.26 -5.35
CA ILE B 16 2.61 -1.92 -5.67
C ILE B 16 1.44 -1.10 -6.16
N ALA B 17 0.60 -1.69 -7.01
CA ALA B 17 -0.56 -1.00 -7.55
C ALA B 17 -1.50 -0.62 -6.42
N MET B 18 -1.60 -1.48 -5.40
CA MET B 18 -2.47 -1.24 -4.27
C MET B 18 -1.97 -0.04 -3.48
N GLU B 19 -0.73 -0.13 -2.99
CA GLU B 19 -0.13 0.95 -2.22
C GLU B 19 -0.47 2.29 -2.86
N PHE B 20 -0.30 2.39 -4.17
CA PHE B 20 -0.58 3.61 -4.89
C PHE B 20 -2.09 3.86 -4.89
N TRP B 21 -2.88 2.79 -4.86
CA TRP B 21 -4.32 2.91 -4.84
C TRP B 21 -4.79 3.43 -3.50
N LEU B 22 -4.14 2.98 -2.42
CA LEU B 22 -4.49 3.40 -1.08
C LEU B 22 -4.23 4.90 -0.93
N LEU B 23 -2.97 5.30 -1.10
CA LEU B 23 -2.59 6.70 -0.98
C LEU B 23 -3.49 7.55 -1.87
N LEU B 24 -3.64 7.14 -3.12
CA LEU B 24 -4.48 7.87 -4.07
C LEU B 24 -5.93 7.85 -3.60
N VAL B 25 -6.37 6.71 -3.06
CA VAL B 25 -7.73 6.57 -2.58
C VAL B 25 -7.95 7.48 -1.39
N ILE B 26 -7.26 7.19 -0.28
CA ILE B 26 -7.38 7.99 0.93
C ILE B 26 -7.16 9.45 0.60
N ILE B 27 -6.49 9.73 -0.52
CA ILE B 27 -6.22 11.09 -0.94
C ILE B 27 -7.46 11.68 -1.60
N LEU B 28 -8.03 10.95 -2.56
CA LEU B 28 -9.22 11.40 -3.26
C LEU B 28 -10.40 11.47 -2.30
N ARG B 29 -10.62 10.38 -1.55
CA ARG B 29 -11.72 10.33 -0.60
C ARG B 29 -11.58 11.45 0.41
N THR B 30 -10.40 11.54 1.05
CA THR B 30 -10.15 12.58 2.03
C THR B 30 -10.32 13.95 1.40
N VAL B 31 -9.69 14.15 0.24
CA VAL B 31 -9.77 15.41 -0.47
C VAL B 31 -11.21 15.90 -0.48
N LYS B 32 -12.15 15.00 -0.73
CA LYS B 32 -13.56 15.33 -0.77
C LYS B 32 -14.10 15.50 0.64
N ARG B 33 -13.56 14.71 1.58
CA ARG B 33 -13.99 14.77 2.96
C ARG B 33 -13.85 16.19 3.48
N ALA B 34 -12.89 16.94 2.94
CA ALA B 34 -12.67 18.31 3.36
C ALA B 34 -13.74 19.21 2.77
N ASN B 35 -13.96 19.10 1.46
CA ASN B 35 -14.97 19.90 0.79
C ASN B 35 -16.30 19.81 1.53
N GLY B 36 -16.89 18.62 1.54
CA GLY B 36 -18.15 18.40 2.22
C GLY B 36 -18.71 17.03 1.88
N GLY B 37 -18.12 15.98 2.46
CA GLY B 37 -18.57 14.62 2.21
C GLY B 37 -20.08 14.55 2.27
N GLU A 1 17.16 -17.61 -12.35
CA GLU A 1 17.72 -16.77 -11.30
C GLU A 1 16.78 -16.76 -10.09
N LYS A 2 16.81 -17.85 -9.30
CA LYS A 2 15.96 -17.96 -8.13
C LYS A 2 16.12 -16.72 -7.27
N THR A 3 17.25 -16.00 -7.44
CA THR A 3 17.51 -14.80 -6.68
C THR A 3 16.30 -13.87 -6.75
N ASN A 4 15.78 -13.65 -7.95
CA ASN A 4 14.64 -12.79 -8.15
C ASN A 4 13.55 -13.13 -7.15
N LEU A 5 13.09 -14.39 -7.16
CA LEU A 5 12.06 -14.84 -6.25
C LEU A 5 12.41 -14.43 -4.83
N GLU A 6 13.62 -14.79 -4.37
CA GLU A 6 14.07 -14.46 -3.04
C GLU A 6 13.72 -13.01 -2.73
N ILE A 7 13.97 -12.12 -3.68
CA ILE A 7 13.69 -10.71 -3.50
C ILE A 7 12.18 -10.48 -3.54
N ILE A 8 11.50 -11.15 -4.46
CA ILE A 8 10.05 -11.03 -4.59
C ILE A 8 9.39 -11.29 -3.25
N ILE A 9 9.97 -12.21 -2.47
CA ILE A 9 9.44 -12.56 -1.16
C ILE A 9 9.72 -11.43 -0.17
N LEU A 10 11.00 -11.08 -0.02
CA LEU A 10 11.39 -10.03 0.90
C LEU A 10 10.57 -8.77 0.64
N VAL A 11 10.48 -8.38 -0.64
CA VAL A 11 9.72 -7.20 -1.02
C VAL A 11 8.28 -7.34 -0.55
N GLU A 12 7.67 -8.49 -0.82
CA GLU A 12 6.30 -8.74 -0.43
C GLU A 12 6.10 -8.36 1.04
N THR A 13 6.98 -8.87 1.90
CA THR A 13 6.90 -8.58 3.32
C THR A 13 6.87 -7.06 3.54
N ALA A 14 7.91 -6.38 3.09
CA ALA A 14 8.00 -4.94 3.24
C ALA A 14 6.79 -4.28 2.59
N VAL A 15 6.20 -4.95 1.59
CA VAL A 15 5.05 -4.43 0.90
C VAL A 15 3.84 -4.44 1.83
N ILE A 16 3.43 -5.64 2.25
CA ILE A 16 2.29 -5.80 3.13
C ILE A 16 2.36 -4.75 4.24
N ALA A 17 3.56 -4.48 4.73
CA ALA A 17 3.76 -3.50 5.79
C ALA A 17 3.63 -2.10 5.22
N MET A 18 3.98 -1.94 3.94
CA MET A 18 3.90 -0.65 3.29
C MET A 18 2.47 -0.17 3.24
N GLU A 19 1.58 -1.01 2.69
CA GLU A 19 0.17 -0.67 2.58
C GLU A 19 -0.40 -0.43 3.98
N PHE A 20 -0.11 -1.33 4.91
CA PHE A 20 -0.59 -1.21 6.26
C PHE A 20 -0.23 0.16 6.83
N TRP A 21 1.07 0.42 6.97
CA TRP A 21 1.53 1.69 7.50
C TRP A 21 1.00 2.83 6.64
N LEU A 22 0.95 2.61 5.32
CA LEU A 22 0.46 3.62 4.40
C LEU A 22 -0.93 4.06 4.81
N LEU A 23 -1.89 3.13 4.81
CA LEU A 23 -3.26 3.43 5.19
C LEU A 23 -3.30 3.97 6.61
N LEU A 24 -2.67 3.24 7.54
CA LEU A 24 -2.64 3.64 8.94
C LEU A 24 -2.15 5.08 9.05
N VAL A 25 -1.13 5.42 8.25
CA VAL A 25 -0.56 6.76 8.26
C VAL A 25 -1.57 7.74 7.67
N ILE A 26 -1.83 7.59 6.37
CA ILE A 26 -2.76 8.47 5.67
C ILE A 26 -4.07 8.53 6.44
N ILE A 27 -4.32 7.53 7.28
CA ILE A 27 -5.53 7.47 8.08
C ILE A 27 -5.39 8.36 9.30
N LEU A 28 -4.27 8.20 10.03
CA LEU A 28 -4.02 8.99 11.22
C LEU A 28 -3.85 10.45 10.85
N ARG A 29 -3.03 10.71 9.84
CA ARG A 29 -2.78 12.07 9.38
C ARG A 29 -4.08 12.70 8.92
N THR A 30 -4.78 12.02 8.01
CA THR A 30 -6.04 12.52 7.49
C THR A 30 -7.02 12.76 8.63
N VAL A 31 -7.20 11.75 9.49
CA VAL A 31 -8.10 11.86 10.62
C VAL A 31 -7.90 13.20 11.31
N LYS A 32 -6.64 13.56 11.57
CA LYS A 32 -6.32 14.80 12.23
C LYS A 32 -6.64 15.97 11.31
N ARG A 33 -6.46 15.77 10.00
CA ARG A 33 -6.74 16.80 9.02
C ARG A 33 -8.14 17.35 9.23
N ALA A 34 -9.06 16.48 9.67
CA ALA A 34 -10.43 16.88 9.91
C ALA A 34 -10.49 17.96 10.98
N ASN A 35 -9.61 17.85 11.97
CA ASN A 35 -9.55 18.81 13.06
C ASN A 35 -8.41 19.80 12.83
N GLY A 36 -7.66 19.59 11.75
CA GLY A 36 -6.55 20.45 11.42
C GLY A 36 -6.99 21.92 11.47
N GLY A 37 -7.88 22.31 10.57
CA GLY A 37 -8.37 23.67 10.52
C GLY A 37 -9.69 23.78 11.28
N GLU B 1 8.61 -25.88 -3.79
CA GLU B 1 7.33 -25.48 -4.35
C GLU B 1 7.46 -24.13 -5.04
N LYS B 2 8.05 -24.12 -6.24
CA LYS B 2 8.24 -22.91 -7.00
C LYS B 2 6.92 -22.17 -7.12
N THR B 3 5.81 -22.90 -6.97
CA THR B 3 4.49 -22.30 -7.06
C THR B 3 4.42 -21.06 -6.18
N ASN B 4 4.88 -21.18 -4.93
CA ASN B 4 4.86 -20.07 -4.01
C ASN B 4 5.42 -18.83 -4.67
N LEU B 5 6.66 -18.90 -5.17
CA LEU B 5 7.31 -17.79 -5.83
C LEU B 5 6.37 -17.22 -6.89
N GLU B 6 5.89 -18.06 -7.79
CA GLU B 6 5.00 -17.65 -8.85
C GLU B 6 3.94 -16.71 -8.28
N ILE B 7 3.38 -17.07 -7.12
CA ILE B 7 2.35 -16.27 -6.48
C ILE B 7 2.98 -15.01 -5.90
N ILE B 8 4.16 -15.16 -5.27
CA ILE B 8 4.85 -14.04 -4.68
C ILE B 8 5.04 -12.93 -5.72
N ILE B 9 5.21 -13.33 -6.98
CA ILE B 9 5.40 -12.38 -8.06
C ILE B 9 4.07 -11.71 -8.39
N LEU B 10 3.06 -12.52 -8.71
CA LEU B 10 1.74 -12.01 -9.05
C LEU B 10 1.27 -11.05 -7.97
N VAL B 11 1.38 -11.48 -6.71
CA VAL B 11 0.95 -10.66 -5.58
C VAL B 11 1.70 -9.33 -5.62
N GLU B 12 3.02 -9.39 -5.79
CA GLU B 12 3.83 -8.19 -5.84
C GLU B 12 3.19 -7.17 -6.78
N THR B 13 2.88 -7.60 -8.00
CA THR B 13 2.28 -6.73 -8.99
C THR B 13 1.04 -6.07 -8.40
N ALA B 14 0.06 -6.89 -8.00
CA ALA B 14 -1.17 -6.38 -7.43
C ALA B 14 -0.86 -5.51 -6.22
N VAL B 15 0.27 -5.78 -5.57
CA VAL B 15 0.69 -5.02 -4.40
C VAL B 15 1.08 -3.61 -4.82
N ILE B 16 2.13 -3.49 -5.64
CA ILE B 16 2.60 -2.21 -6.10
C ILE B 16 1.41 -1.34 -6.50
N ALA B 17 0.40 -1.96 -7.12
CA ALA B 17 -0.78 -1.24 -7.55
C ALA B 17 -1.66 -0.93 -6.35
N MET B 18 -1.61 -1.78 -5.33
CA MET B 18 -2.40 -1.60 -4.13
C MET B 18 -1.99 -0.31 -3.44
N GLU B 19 -0.69 -0.17 -3.15
CA GLU B 19 -0.18 1.01 -2.48
C GLU B 19 -0.46 2.24 -3.32
N PHE B 20 -0.18 2.15 -4.63
CA PHE B 20 -0.41 3.26 -5.54
C PHE B 20 -1.85 3.73 -5.42
N TRP B 21 -2.80 2.87 -5.78
CA TRP B 21 -4.21 3.20 -5.72
C TRP B 21 -4.57 3.59 -4.29
N LEU B 22 -3.98 2.91 -3.31
CA LEU B 22 -4.25 3.19 -1.91
C LEU B 22 -3.98 4.66 -1.62
N LEU B 23 -2.73 5.08 -1.81
CA LEU B 23 -2.34 6.45 -1.56
C LEU B 23 -3.16 7.39 -2.44
N LEU B 24 -3.19 7.10 -3.76
CA LEU B 24 -3.93 7.91 -4.70
C LEU B 24 -5.37 8.08 -4.22
N VAL B 25 -5.95 7.00 -3.70
CA VAL B 25 -7.32 7.03 -3.21
C VAL B 25 -7.39 7.86 -1.93
N ILE B 26 -6.75 7.38 -0.87
CA ILE B 26 -6.74 8.07 0.40
C ILE B 26 -6.31 9.53 0.19
N ILE B 27 -5.63 9.79 -0.92
CA ILE B 27 -5.17 11.12 -1.25
C ILE B 27 -6.32 11.93 -1.85
N LEU B 28 -6.99 11.36 -2.85
CA LEU B 28 -8.10 12.03 -3.51
C LEU B 28 -9.24 12.22 -2.52
N ARG B 29 -9.59 11.16 -1.80
CA ARG B 29 -10.67 11.22 -0.83
C ARG B 29 -10.34 12.24 0.25
N THR B 30 -9.16 12.10 0.85
CA THR B 30 -8.73 13.01 1.89
C THR B 30 -8.73 14.44 1.37
N VAL B 31 -8.09 14.66 0.22
CA VAL B 31 -8.02 15.97 -0.38
C VAL B 31 -9.39 16.63 -0.34
N LYS B 32 -10.42 15.88 -0.74
CA LYS B 32 -11.78 16.40 -0.75
C LYS B 32 -12.27 16.60 0.67
N ARG B 33 -11.81 15.74 1.59
CA ARG B 33 -12.20 15.82 2.98
C ARG B 33 -11.94 17.23 3.51
N ALA B 34 -10.89 17.87 2.99
CA ALA B 34 -10.54 19.21 3.41
C ALA B 34 -11.68 20.17 3.08
N ASN B 35 -12.36 19.93 1.95
CA ASN B 35 -13.46 20.77 1.54
C ASN B 35 -14.78 20.09 1.87
N GLY B 36 -14.71 18.87 2.42
CA GLY B 36 -15.90 18.14 2.79
C GLY B 36 -16.83 19.00 3.61
N GLY B 37 -16.40 19.37 4.82
CA GLY B 37 -17.19 20.20 5.70
C GLY B 37 -16.81 21.66 5.55
N GLU A 1 17.88 -17.71 -11.49
CA GLU A 1 18.36 -17.04 -10.31
C GLU A 1 17.28 -17.01 -9.24
N LYS A 2 17.34 -17.97 -8.30
CA LYS A 2 16.37 -18.06 -7.24
C LYS A 2 16.44 -16.81 -6.37
N THR A 3 17.57 -16.10 -6.43
CA THR A 3 17.75 -14.89 -5.65
C THR A 3 16.56 -13.96 -5.86
N ASN A 4 16.23 -13.69 -7.12
CA ASN A 4 15.11 -12.82 -7.44
C ASN A 4 13.91 -13.16 -6.57
N LEU A 5 13.47 -14.42 -6.64
CA LEU A 5 12.32 -14.88 -5.85
C LEU A 5 12.54 -14.52 -4.38
N GLU A 6 13.68 -14.94 -3.83
CA GLU A 6 14.00 -14.66 -2.44
C GLU A 6 13.66 -13.21 -2.11
N ILE A 7 13.95 -12.31 -3.04
CA ILE A 7 13.67 -10.90 -2.85
C ILE A 7 12.19 -10.64 -3.04
N ILE A 8 11.59 -11.27 -4.06
CA ILE A 8 10.18 -11.11 -4.35
C ILE A 8 9.36 -11.40 -3.10
N ILE A 9 9.82 -12.36 -2.29
CA ILE A 9 9.13 -12.73 -1.07
C ILE A 9 9.37 -11.67 0.00
N LEU A 10 10.64 -11.40 0.30
CA LEU A 10 11.01 -10.42 1.30
C LEU A 10 10.25 -9.12 1.04
N VAL A 11 10.23 -8.70 -0.23
CA VAL A 11 9.55 -7.47 -0.61
C VAL A 11 8.07 -7.58 -0.28
N GLU A 12 7.46 -8.70 -0.68
CA GLU A 12 6.05 -8.93 -0.43
C GLU A 12 5.72 -8.60 1.01
N THR A 13 6.53 -9.11 1.94
CA THR A 13 6.31 -8.88 3.36
C THR A 13 6.33 -7.38 3.63
N ALA A 14 7.46 -6.73 3.33
CA ALA A 14 7.60 -5.30 3.55
C ALA A 14 6.47 -4.56 2.85
N VAL A 15 5.96 -5.14 1.76
CA VAL A 15 4.88 -4.53 1.00
C VAL A 15 3.63 -4.45 1.87
N ILE A 16 3.07 -5.61 2.22
CA ILE A 16 1.88 -5.67 3.04
C ILE A 16 1.99 -4.67 4.18
N ALA A 17 3.16 -4.59 4.79
CA ALA A 17 3.39 -3.66 5.90
C ALA A 17 3.23 -2.23 5.41
N MET A 18 3.64 -1.97 4.17
CA MET A 18 3.54 -0.64 3.60
C MET A 18 2.08 -0.26 3.42
N GLU A 19 1.34 -1.05 2.62
CA GLU A 19 -0.05 -0.79 2.38
C GLU A 19 -0.74 -0.38 3.68
N PHE A 20 -0.50 -1.14 4.75
CA PHE A 20 -1.10 -0.84 6.03
C PHE A 20 -0.54 0.47 6.57
N TRP A 21 0.72 0.77 6.23
CA TRP A 21 1.34 2.01 6.68
C TRP A 21 0.73 3.19 5.96
N LEU A 22 0.49 3.04 4.65
CA LEU A 22 -0.10 4.11 3.86
C LEU A 22 -1.46 4.48 4.42
N LEU A 23 -2.38 3.51 4.45
CA LEU A 23 -3.72 3.74 4.95
C LEU A 23 -3.64 4.34 6.35
N LEU A 24 -2.93 3.66 7.26
CA LEU A 24 -2.79 4.13 8.62
C LEU A 24 -2.20 5.54 8.63
N VAL A 25 -1.21 5.77 7.77
CA VAL A 25 -0.58 7.07 7.68
C VAL A 25 -1.60 8.12 7.23
N ILE A 26 -2.07 8.00 5.99
CA ILE A 26 -3.06 8.93 5.45
C ILE A 26 -4.26 9.00 6.38
N ILE A 27 -4.45 7.96 7.19
CA ILE A 27 -5.56 7.90 8.12
C ILE A 27 -5.25 8.76 9.34
N LEU A 28 -4.03 8.66 9.85
CA LEU A 28 -3.61 9.44 11.01
C LEU A 28 -3.43 10.89 10.62
N ARG A 29 -2.64 11.15 9.58
CA ARG A 29 -2.39 12.49 9.11
C ARG A 29 -3.72 13.19 8.80
N THR A 30 -4.60 12.49 8.08
CA THR A 30 -5.89 13.04 7.72
C THR A 30 -6.72 13.27 8.97
N VAL A 31 -6.90 12.22 9.78
CA VAL A 31 -7.67 12.31 11.00
C VAL A 31 -7.30 13.58 11.75
N LYS A 32 -6.03 13.97 11.67
CA LYS A 32 -5.54 15.16 12.33
C LYS A 32 -5.93 16.40 11.53
N ARG A 33 -5.94 16.26 10.20
CA ARG A 33 -6.28 17.36 9.32
C ARG A 33 -7.63 17.95 9.73
N ALA A 34 -8.45 17.15 10.41
CA ALA A 34 -9.75 17.59 10.86
C ALA A 34 -9.62 18.40 12.14
N ASN A 35 -8.59 18.08 12.94
CA ASN A 35 -8.36 18.77 14.19
C ASN A 35 -7.64 20.09 13.93
N GLY A 36 -6.54 20.03 13.16
CA GLY A 36 -5.77 21.21 12.84
C GLY A 36 -4.36 20.83 12.43
N GLY A 37 -4.22 19.71 11.70
CA GLY A 37 -2.93 19.25 11.26
C GLY A 37 -2.01 19.02 12.46
N GLU B 1 8.39 -25.93 -4.77
CA GLU B 1 7.25 -25.53 -5.57
C GLU B 1 7.46 -24.12 -6.10
N LYS B 2 7.93 -24.02 -7.35
CA LYS B 2 8.16 -22.74 -7.97
C LYS B 2 6.86 -21.95 -8.07
N THR B 3 5.74 -22.67 -8.01
CA THR B 3 4.44 -22.02 -8.09
C THR B 3 4.37 -20.87 -7.11
N ASN B 4 4.69 -21.13 -5.84
CA ASN B 4 4.67 -20.10 -4.82
C ASN B 4 5.31 -18.83 -5.35
N LEU B 5 6.57 -18.91 -5.78
CA LEU B 5 7.28 -17.77 -6.31
C LEU B 5 6.45 -17.10 -7.39
N GLU B 6 6.03 -17.88 -8.39
CA GLU B 6 5.23 -17.36 -9.48
C GLU B 6 4.14 -16.43 -8.94
N ILE B 7 3.53 -16.83 -7.81
CA ILE B 7 2.49 -16.05 -7.19
C ILE B 7 3.11 -14.86 -6.46
N ILE B 8 4.23 -15.09 -5.77
CA ILE B 8 4.91 -14.06 -5.03
C ILE B 8 5.19 -12.87 -5.95
N ILE B 9 5.49 -13.16 -7.22
CA ILE B 9 5.77 -12.12 -8.19
C ILE B 9 4.48 -11.43 -8.61
N LEU B 10 3.52 -12.22 -9.10
CA LEU B 10 2.25 -11.68 -9.54
C LEU B 10 1.66 -10.79 -8.46
N VAL B 11 1.70 -11.25 -7.21
CA VAL B 11 1.19 -10.49 -6.10
C VAL B 11 1.95 -9.17 -5.97
N GLU B 12 3.28 -9.25 -6.02
CA GLU B 12 4.12 -8.07 -5.91
C GLU B 12 3.59 -6.98 -6.83
N THR B 13 3.31 -7.35 -8.09
CA THR B 13 2.81 -6.39 -9.06
C THR B 13 1.51 -5.77 -8.55
N ALA B 14 0.50 -6.61 -8.31
CA ALA B 14 -0.79 -6.15 -7.83
C ALA B 14 -0.59 -5.34 -6.56
N VAL B 15 0.46 -5.66 -5.80
CA VAL B 15 0.75 -4.95 -4.57
C VAL B 15 1.08 -3.51 -4.86
N ILE B 16 2.20 -3.27 -5.55
CA ILE B 16 2.61 -1.92 -5.89
C ILE B 16 1.41 -1.11 -6.36
N ALA B 17 0.55 -1.73 -7.17
CA ALA B 17 -0.63 -1.06 -7.68
C ALA B 17 -1.55 -0.70 -6.53
N MET B 18 -1.61 -1.55 -5.51
CA MET B 18 -2.45 -1.32 -4.36
C MET B 18 -1.95 -0.10 -3.59
N GLU B 19 -0.70 -0.16 -3.11
CA GLU B 19 -0.12 0.92 -2.36
C GLU B 19 -0.48 2.26 -3.02
N PHE B 20 -0.31 2.33 -4.34
CA PHE B 20 -0.63 3.55 -5.07
C PHE B 20 -2.12 3.81 -5.03
N TRP B 21 -2.92 2.73 -4.98
CA TRP B 21 -4.36 2.85 -4.93
C TRP B 21 -4.79 3.38 -3.57
N LEU B 22 -4.16 2.89 -2.50
CA LEU B 22 -4.48 3.33 -1.16
C LEU B 22 -4.24 4.82 -1.03
N LEU B 23 -2.99 5.25 -1.26
CA LEU B 23 -2.64 6.66 -1.16
C LEU B 23 -3.58 7.49 -2.04
N LEU B 24 -3.66 7.13 -3.32
CA LEU B 24 -4.51 7.84 -4.26
C LEU B 24 -5.95 7.84 -3.74
N VAL B 25 -6.39 6.70 -3.20
CA VAL B 25 -7.73 6.58 -2.68
C VAL B 25 -7.92 7.52 -1.50
N ILE B 26 -7.21 7.25 -0.40
CA ILE B 26 -7.30 8.08 0.78
C ILE B 26 -7.02 9.54 0.42
N ILE B 27 -6.30 9.75 -0.68
CA ILE B 27 -5.97 11.09 -1.13
C ILE B 27 -7.18 11.73 -1.79
N LEU B 28 -7.86 10.97 -2.65
CA LEU B 28 -9.03 11.46 -3.34
C LEU B 28 -10.18 11.61 -2.36
N ARG B 29 -10.51 10.53 -1.65
CA ARG B 29 -11.58 10.54 -0.68
C ARG B 29 -11.38 11.69 0.30
N THR B 30 -10.15 11.84 0.80
CA THR B 30 -9.84 12.89 1.74
C THR B 30 -9.93 14.24 1.05
N VAL B 31 -9.27 14.37 -0.09
CA VAL B 31 -9.28 15.62 -0.84
C VAL B 31 -10.68 16.19 -0.88
N LYS B 32 -11.68 15.32 -0.94
CA LYS B 32 -13.07 15.74 -0.97
C LYS B 32 -13.60 15.88 0.44
N ARG B 33 -13.04 15.11 1.37
CA ARG B 33 -13.45 15.16 2.76
C ARG B 33 -13.16 16.53 3.35
N ALA B 34 -12.21 17.25 2.74
CA ALA B 34 -11.85 18.58 3.20
C ALA B 34 -12.83 19.60 2.66
N ASN B 35 -13.42 19.32 1.49
CA ASN B 35 -14.37 20.21 0.87
C ASN B 35 -15.73 20.07 1.54
N GLY B 36 -16.20 18.82 1.67
CA GLY B 36 -17.48 18.56 2.29
C GLY B 36 -18.01 17.20 1.86
N GLY B 37 -17.10 16.23 1.73
CA GLY B 37 -17.48 14.88 1.33
C GLY B 37 -18.18 14.92 -0.02
#